data_2IKE
#
_entry.id   2IKE
#
_entity_poly.entity_id   1
_entity_poly.type   'polypeptide(L)'
_entity_poly.pdbx_seq_one_letter_code
;LSCLTPDNKPGKCVNIKKCTHLAEIEEDPIGEDETTYLKNSVCAGPEDNSVCCG
;
_entity_poly.pdbx_strand_id   A
#
# COMPACT_ATOMS: atom_id res chain seq x y z
N LEU A 1 -7.26 1.81 -10.21
CA LEU A 1 -6.48 2.97 -10.58
C LEU A 1 -5.01 2.60 -10.75
N SER A 2 -4.31 3.36 -11.59
CA SER A 2 -2.90 3.12 -11.85
C SER A 2 -2.02 3.94 -10.92
N CYS A 3 -1.10 3.28 -10.22
CA CYS A 3 -0.20 3.95 -9.30
C CYS A 3 1.25 3.65 -9.64
N LEU A 4 2.16 4.51 -9.18
CA LEU A 4 3.58 4.33 -9.43
C LEU A 4 4.30 3.90 -8.16
N THR A 5 4.99 2.76 -8.22
CA THR A 5 5.73 2.23 -7.08
C THR A 5 6.80 3.21 -6.62
N PRO A 6 7.42 2.98 -5.45
CA PRO A 6 8.47 3.86 -4.92
C PRO A 6 9.58 4.08 -5.94
N ASP A 7 9.77 3.11 -6.83
CA ASP A 7 10.79 3.20 -7.86
C ASP A 7 10.21 3.74 -9.17
N ASN A 8 8.96 4.18 -9.12
CA ASN A 8 8.28 4.72 -10.29
C ASN A 8 7.94 3.61 -11.29
N LYS A 9 7.55 2.46 -10.77
CA LYS A 9 7.18 1.32 -11.60
C LYS A 9 5.67 1.22 -11.73
N PRO A 10 5.16 0.93 -12.95
CA PRO A 10 3.73 0.81 -13.19
C PRO A 10 3.04 -0.13 -12.21
N GLY A 11 1.99 0.36 -11.56
CA GLY A 11 1.27 -0.44 -10.61
C GLY A 11 -0.21 -0.10 -10.56
N LYS A 12 -0.90 -0.56 -9.53
CA LYS A 12 -2.33 -0.29 -9.37
C LYS A 12 -2.65 0.14 -7.95
N CYS A 13 -3.69 0.96 -7.80
CA CYS A 13 -4.10 1.44 -6.49
C CYS A 13 -5.42 0.82 -6.07
N VAL A 14 -5.45 0.21 -4.90
CA VAL A 14 -6.64 -0.43 -4.38
C VAL A 14 -6.87 -0.10 -2.91
N ASN A 15 -8.11 -0.21 -2.45
CA ASN A 15 -8.46 0.08 -1.07
C ASN A 15 -7.56 -0.68 -0.09
N ILE A 16 -7.83 -0.52 1.20
CA ILE A 16 -7.04 -1.18 2.23
C ILE A 16 -7.74 -2.44 2.73
N LYS A 17 -8.41 -3.11 1.81
CA LYS A 17 -9.13 -4.33 2.14
C LYS A 17 -9.28 -5.24 0.92
N LYS A 18 -8.19 -5.44 0.19
CA LYS A 18 -8.22 -6.29 -1.00
C LYS A 18 -6.81 -6.68 -1.44
N CYS A 19 -5.89 -5.71 -1.42
CA CYS A 19 -4.51 -5.96 -1.82
C CYS A 19 -3.89 -7.07 -0.98
N THR A 20 -3.27 -8.03 -1.64
CA THR A 20 -2.65 -9.15 -0.96
C THR A 20 -1.58 -8.67 0.01
N HIS A 21 -0.89 -7.59 -0.35
CA HIS A 21 0.16 -7.03 0.49
C HIS A 21 -0.40 -6.61 1.85
N LEU A 22 -1.62 -6.11 1.85
CA LEU A 22 -2.27 -5.68 3.09
C LEU A 22 -2.62 -6.89 3.95
N ALA A 23 -3.07 -7.96 3.31
CA ALA A 23 -3.43 -9.17 4.01
C ALA A 23 -2.23 -9.81 4.69
N GLU A 24 -1.06 -9.66 4.06
CA GLU A 24 0.17 -10.22 4.59
C GLU A 24 0.60 -9.48 5.85
N ILE A 25 0.43 -8.17 5.84
CA ILE A 25 0.80 -7.34 6.99
C ILE A 25 -0.15 -7.57 8.16
N GLU A 26 -1.43 -7.77 7.84
CA GLU A 26 -2.44 -7.99 8.88
C GLU A 26 -2.25 -9.37 9.51
N GLU A 27 -1.75 -10.32 8.73
CA GLU A 27 -1.52 -11.68 9.21
C GLU A 27 -0.20 -11.79 9.95
N ASP A 28 0.79 -11.02 9.50
CA ASP A 28 2.11 -11.03 10.12
C ASP A 28 2.27 -9.85 11.08
N PRO A 29 3.26 -9.94 11.99
CA PRO A 29 3.51 -8.88 12.98
C PRO A 29 3.70 -7.52 12.32
N ILE A 30 3.58 -6.46 13.12
CA ILE A 30 3.73 -5.10 12.62
C ILE A 30 4.97 -4.43 13.22
N GLY A 31 5.56 -3.51 12.47
CA GLY A 31 6.74 -2.81 12.94
C GLY A 31 6.86 -1.42 12.36
N GLU A 32 7.87 -0.68 12.82
CA GLU A 32 8.10 0.68 12.33
C GLU A 32 8.52 0.67 10.87
N ASP A 33 9.25 -0.37 10.48
CA ASP A 33 9.72 -0.48 9.09
C ASP A 33 8.55 -0.79 8.16
N GLU A 34 7.57 -1.53 8.67
CA GLU A 34 6.40 -1.90 7.87
C GLU A 34 5.46 -0.71 7.71
N THR A 35 5.43 0.16 8.72
CA THR A 35 4.57 1.33 8.69
C THR A 35 5.13 2.38 7.73
N THR A 36 6.46 2.45 7.64
CA THR A 36 7.12 3.41 6.77
C THR A 36 6.96 3.00 5.30
N TYR A 37 7.05 1.70 5.05
CA TYR A 37 6.92 1.18 3.70
C TYR A 37 5.46 1.28 3.22
N LEU A 38 4.53 1.10 4.15
CA LEU A 38 3.12 1.16 3.83
C LEU A 38 2.69 2.59 3.55
N LYS A 39 3.29 3.53 4.26
CA LYS A 39 2.97 4.95 4.09
C LYS A 39 3.48 5.47 2.74
N ASN A 40 4.58 4.88 2.27
CA ASN A 40 5.16 5.27 1.00
C ASN A 40 4.39 4.67 -0.18
N SER A 41 3.75 3.53 0.07
CA SER A 41 2.98 2.84 -0.96
C SER A 41 1.50 3.20 -0.86
N VAL A 42 1.21 4.46 -0.54
CA VAL A 42 -0.15 4.93 -0.41
C VAL A 42 -0.58 5.69 -1.65
N CYS A 43 -1.90 5.80 -1.84
CA CYS A 43 -2.46 6.51 -2.99
C CYS A 43 -2.43 8.02 -2.75
N ALA A 44 -1.26 8.57 -2.50
CA ALA A 44 -1.11 10.00 -2.25
C ALA A 44 -1.94 10.45 -1.06
N GLY A 45 -1.30 10.59 0.10
CA GLY A 45 -2.01 11.00 1.29
C GLY A 45 -1.91 9.98 2.41
N PRO A 46 -1.31 10.34 3.55
CA PRO A 46 -1.16 9.43 4.69
C PRO A 46 -2.48 8.78 5.08
N GLU A 47 -3.58 9.45 4.79
CA GLU A 47 -4.91 8.94 5.11
C GLU A 47 -5.87 9.13 3.94
N ASP A 48 -6.21 8.03 3.28
CA ASP A 48 -7.12 8.07 2.15
C ASP A 48 -7.84 6.73 1.95
N ASN A 49 -7.83 5.90 3.00
CA ASN A 49 -8.48 4.60 2.95
C ASN A 49 -8.12 3.84 1.67
N SER A 50 -6.93 4.12 1.14
CA SER A 50 -6.47 3.47 -0.08
C SER A 50 -4.98 3.20 -0.03
N VAL A 51 -4.52 2.25 -0.85
CA VAL A 51 -3.11 1.89 -0.90
C VAL A 51 -2.67 1.67 -2.35
N CYS A 52 -1.36 1.68 -2.58
CA CYS A 52 -0.81 1.48 -3.91
C CYS A 52 -0.07 0.14 -3.99
N CYS A 53 -0.48 -0.70 -4.94
CA CYS A 53 0.12 -2.00 -5.12
C CYS A 53 0.74 -2.13 -6.52
N GLY A 54 2.04 -2.33 -6.56
CA GLY A 54 2.72 -2.47 -7.84
C GLY A 54 3.71 -3.62 -7.86
N LEU A 1 -7.68 1.41 -9.97
CA LEU A 1 -7.02 2.35 -10.88
C LEU A 1 -5.51 2.21 -10.79
N SER A 2 -4.82 2.54 -11.88
CA SER A 2 -3.36 2.45 -11.93
C SER A 2 -2.73 3.68 -11.29
N CYS A 3 -1.81 3.45 -10.36
CA CYS A 3 -1.12 4.54 -9.67
C CYS A 3 0.39 4.40 -9.80
N LEU A 4 1.09 5.52 -9.60
CA LEU A 4 2.55 5.52 -9.70
C LEU A 4 3.18 5.51 -8.31
N THR A 5 4.02 4.52 -8.06
CA THR A 5 4.70 4.39 -6.78
C THR A 5 5.66 5.55 -6.56
N PRO A 6 6.19 5.72 -5.33
CA PRO A 6 7.13 6.80 -5.03
C PRO A 6 8.30 6.85 -6.00
N ASP A 7 8.63 5.69 -6.58
CA ASP A 7 9.72 5.60 -7.54
C ASP A 7 9.20 5.76 -8.98
N ASN A 8 7.92 6.10 -9.11
CA ASN A 8 7.32 6.29 -10.42
C ASN A 8 7.21 4.97 -11.17
N LYS A 9 6.89 3.90 -10.45
CA LYS A 9 6.74 2.58 -11.05
C LYS A 9 5.26 2.28 -11.32
N PRO A 10 4.93 1.87 -12.55
CA PRO A 10 3.54 1.56 -12.91
C PRO A 10 2.96 0.45 -12.06
N GLY A 11 1.85 0.75 -11.38
CA GLY A 11 1.20 -0.23 -10.53
C GLY A 11 -0.30 -0.05 -10.48
N LYS A 12 -0.92 -0.57 -9.42
CA LYS A 12 -2.36 -0.46 -9.25
C LYS A 12 -2.71 -0.04 -7.83
N CYS A 13 -3.78 0.74 -7.69
CA CYS A 13 -4.22 1.21 -6.38
C CYS A 13 -5.52 0.54 -5.96
N VAL A 14 -5.51 -0.06 -4.78
CA VAL A 14 -6.69 -0.74 -4.26
C VAL A 14 -7.04 -0.25 -2.86
N ASN A 15 -8.30 -0.39 -2.47
CA ASN A 15 -8.75 0.04 -1.16
C ASN A 15 -7.93 -0.63 -0.06
N ILE A 16 -8.31 -0.40 1.19
CA ILE A 16 -7.62 -0.98 2.33
C ILE A 16 -8.20 -2.35 2.67
N LYS A 17 -8.28 -3.22 1.67
CA LYS A 17 -8.82 -4.56 1.87
C LYS A 17 -8.62 -5.42 0.62
N LYS A 18 -7.50 -5.20 -0.06
CA LYS A 18 -7.18 -5.95 -1.27
C LYS A 18 -5.67 -6.06 -1.46
N CYS A 19 -4.97 -4.96 -1.26
CA CYS A 19 -3.51 -4.94 -1.41
C CYS A 19 -2.86 -6.09 -0.63
N THR A 20 -1.87 -6.72 -1.26
CA THR A 20 -1.17 -7.84 -0.62
C THR A 20 -0.53 -7.41 0.69
N HIS A 21 -0.16 -6.13 0.77
CA HIS A 21 0.46 -5.58 1.97
C HIS A 21 -0.48 -5.71 3.17
N LEU A 22 -1.78 -5.61 2.92
CA LEU A 22 -2.77 -5.71 3.98
C LEU A 22 -2.77 -7.10 4.60
N ALA A 23 -2.72 -8.12 3.75
CA ALA A 23 -2.70 -9.50 4.21
C ALA A 23 -1.43 -9.80 4.99
N GLU A 24 -0.33 -9.19 4.57
CA GLU A 24 0.96 -9.40 5.23
C GLU A 24 0.98 -8.74 6.60
N ILE A 25 0.44 -7.52 6.68
CA ILE A 25 0.40 -6.80 7.94
C ILE A 25 -0.56 -7.48 8.91
N GLU A 26 -1.64 -8.04 8.37
CA GLU A 26 -2.63 -8.73 9.19
C GLU A 26 -2.00 -9.93 9.90
N GLU A 27 -1.02 -10.54 9.23
CA GLU A 27 -0.33 -11.70 9.79
C GLU A 27 0.59 -11.30 10.95
N ASP A 28 0.79 -10.00 11.12
CA ASP A 28 1.66 -9.49 12.19
C ASP A 28 3.13 -9.80 11.89
N PRO A 29 3.68 -9.19 10.83
CA PRO A 29 5.07 -9.41 10.42
C PRO A 29 6.02 -8.44 11.10
N ILE A 30 7.26 -8.40 10.60
CA ILE A 30 8.28 -7.51 11.16
C ILE A 30 8.94 -6.70 10.05
N GLY A 31 9.28 -5.45 10.36
CA GLY A 31 9.92 -4.60 9.39
C GLY A 31 9.30 -3.21 9.34
N GLU A 32 10.01 -2.23 9.86
CA GLU A 32 9.52 -0.85 9.88
C GLU A 32 9.44 -0.28 8.46
N ASP A 33 10.35 -0.75 7.60
CA ASP A 33 10.39 -0.28 6.21
C ASP A 33 9.06 -0.58 5.50
N GLU A 34 8.41 -1.66 5.91
CA GLU A 34 7.14 -2.05 5.31
C GLU A 34 6.02 -1.09 5.71
N THR A 35 6.08 -0.62 6.96
CA THR A 35 5.08 0.32 7.46
C THR A 35 5.27 1.70 6.85
N THR A 36 6.52 2.08 6.64
CA THR A 36 6.83 3.38 6.06
C THR A 36 6.47 3.40 4.58
N TYR A 37 6.63 2.27 3.91
CA TYR A 37 6.31 2.15 2.49
C TYR A 37 4.80 2.28 2.26
N LEU A 38 4.03 1.76 3.21
CA LEU A 38 2.56 1.81 3.09
C LEU A 38 2.07 3.24 3.22
N LYS A 39 2.67 4.00 4.14
CA LYS A 39 2.28 5.38 4.37
C LYS A 39 2.72 6.27 3.20
N ASN A 40 3.82 5.89 2.55
CA ASN A 40 4.33 6.65 1.42
C ASN A 40 3.61 6.27 0.13
N SER A 41 3.12 5.03 0.07
CA SER A 41 2.41 4.54 -1.11
C SER A 41 0.90 4.65 -0.92
N VAL A 42 0.47 5.72 -0.26
CA VAL A 42 -0.96 5.94 -0.01
C VAL A 42 -1.58 6.78 -1.12
N CYS A 43 -2.72 6.31 -1.64
CA CYS A 43 -3.42 7.03 -2.69
C CYS A 43 -4.07 8.29 -2.15
N ALA A 44 -3.24 9.23 -1.70
CA ALA A 44 -3.72 10.49 -1.15
C ALA A 44 -4.46 11.29 -2.22
N GLY A 45 -5.53 11.97 -1.81
CA GLY A 45 -6.30 12.77 -2.74
C GLY A 45 -7.77 12.39 -2.75
N PRO A 46 -8.18 11.45 -3.63
CA PRO A 46 -9.56 11.01 -3.73
C PRO A 46 -10.12 10.57 -2.38
N GLU A 47 -9.35 9.73 -1.68
CA GLU A 47 -9.78 9.23 -0.37
C GLU A 47 -8.57 8.91 0.50
N ASP A 48 -8.81 8.73 1.79
CA ASP A 48 -7.74 8.43 2.74
C ASP A 48 -7.50 6.92 2.82
N ASN A 49 -8.59 6.15 2.81
CA ASN A 49 -8.49 4.70 2.88
C ASN A 49 -8.17 4.10 1.51
N SER A 50 -6.89 4.15 1.15
CA SER A 50 -6.45 3.61 -0.14
C SER A 50 -4.96 3.31 -0.12
N VAL A 51 -4.57 2.23 -0.79
CA VAL A 51 -3.17 1.84 -0.85
C VAL A 51 -2.75 1.56 -2.29
N CYS A 52 -1.45 1.64 -2.55
CA CYS A 52 -0.92 1.41 -3.89
C CYS A 52 -0.10 0.12 -3.94
N CYS A 53 -0.41 -0.73 -4.89
CA CYS A 53 0.29 -2.00 -5.06
C CYS A 53 0.82 -2.16 -6.48
N GLY A 54 2.14 -2.27 -6.61
CA GLY A 54 2.75 -2.41 -7.91
C GLY A 54 3.60 -3.67 -8.02
N LEU A 1 -7.67 2.13 -9.67
CA LEU A 1 -6.90 3.24 -10.22
C LEU A 1 -5.43 2.89 -10.32
N SER A 2 -4.73 3.52 -11.26
CA SER A 2 -3.31 3.28 -11.45
C SER A 2 -2.48 4.18 -10.53
N CYS A 3 -1.53 3.57 -9.82
CA CYS A 3 -0.68 4.31 -8.90
C CYS A 3 0.79 4.08 -9.22
N LEU A 4 1.64 5.02 -8.78
CA LEU A 4 3.08 4.93 -9.01
C LEU A 4 3.81 4.54 -7.73
N THR A 5 4.60 3.47 -7.80
CA THR A 5 5.36 3.00 -6.66
C THR A 5 6.36 4.06 -6.19
N PRO A 6 6.96 3.88 -5.01
CA PRO A 6 7.94 4.82 -4.47
C PRO A 6 9.05 5.14 -5.48
N ASP A 7 9.29 4.21 -6.40
CA ASP A 7 10.31 4.39 -7.42
C ASP A 7 9.70 4.87 -8.74
N ASN A 8 8.41 5.24 -8.70
CA ASN A 8 7.72 5.72 -9.89
C ASN A 8 7.50 4.57 -10.88
N LYS A 9 7.19 3.40 -10.36
CA LYS A 9 6.95 2.23 -11.20
C LYS A 9 5.45 2.01 -11.38
N PRO A 10 5.00 1.76 -12.62
CA PRO A 10 3.57 1.54 -12.90
C PRO A 10 2.97 0.45 -12.01
N GLY A 11 1.88 0.81 -11.33
CA GLY A 11 1.21 -0.14 -10.46
C GLY A 11 -0.28 0.07 -10.41
N LYS A 12 -0.93 -0.47 -9.39
CA LYS A 12 -2.37 -0.34 -9.23
C LYS A 12 -2.73 0.02 -7.80
N CYS A 13 -3.86 0.72 -7.64
CA CYS A 13 -4.32 1.13 -6.32
C CYS A 13 -5.57 0.36 -5.91
N VAL A 14 -5.51 -0.27 -4.74
CA VAL A 14 -6.63 -1.05 -4.23
C VAL A 14 -6.80 -0.84 -2.73
N ASN A 15 -8.02 -1.09 -2.24
CA ASN A 15 -8.32 -0.93 -0.82
C ASN A 15 -7.31 -1.68 0.05
N ILE A 16 -7.48 -1.56 1.36
CA ILE A 16 -6.59 -2.22 2.31
C ILE A 16 -7.02 -3.67 2.57
N LYS A 17 -8.06 -4.11 1.87
CA LYS A 17 -8.57 -5.47 2.03
C LYS A 17 -8.64 -6.19 0.69
N LYS A 18 -7.85 -5.73 -0.26
CA LYS A 18 -7.82 -6.33 -1.59
C LYS A 18 -6.41 -6.79 -1.95
N CYS A 19 -5.42 -6.00 -1.54
CA CYS A 19 -4.02 -6.34 -1.81
C CYS A 19 -3.56 -7.50 -0.93
N THR A 20 -3.03 -8.54 -1.57
CA THR A 20 -2.55 -9.71 -0.85
C THR A 20 -1.43 -9.33 0.13
N HIS A 21 -0.62 -8.36 -0.25
CA HIS A 21 0.48 -7.91 0.60
C HIS A 21 -0.04 -7.37 1.92
N LEU A 22 -1.16 -6.66 1.88
CA LEU A 22 -1.76 -6.09 3.08
C LEU A 22 -2.30 -7.19 3.98
N ALA A 23 -2.91 -8.20 3.37
CA ALA A 23 -3.48 -9.32 4.12
C ALA A 23 -2.38 -10.11 4.82
N GLU A 24 -1.21 -10.17 4.20
CA GLU A 24 -0.08 -10.90 4.77
C GLU A 24 0.45 -10.20 6.01
N ILE A 25 0.47 -8.88 5.98
CA ILE A 25 0.95 -8.08 7.11
C ILE A 25 -0.02 -8.16 8.28
N GLU A 26 -1.30 -8.18 7.97
CA GLU A 26 -2.34 -8.25 9.01
C GLU A 26 -2.35 -9.62 9.68
N GLU A 27 -1.98 -10.64 8.92
CA GLU A 27 -1.95 -12.01 9.44
C GLU A 27 -0.73 -12.22 10.35
N ASP A 28 0.35 -11.53 10.04
CA ASP A 28 1.58 -11.63 10.83
C ASP A 28 2.02 -10.27 11.35
N PRO A 29 1.81 -10.00 12.65
CA PRO A 29 2.20 -8.71 13.25
C PRO A 29 3.71 -8.57 13.39
N ILE A 30 4.40 -8.57 12.25
CA ILE A 30 5.85 -8.44 12.25
C ILE A 30 6.34 -7.72 11.00
N GLY A 31 7.63 -7.44 10.94
CA GLY A 31 8.19 -6.75 9.79
C GLY A 31 7.95 -5.25 9.83
N GLU A 32 8.78 -4.54 10.59
CA GLU A 32 8.64 -3.10 10.72
C GLU A 32 8.87 -2.41 9.38
N ASP A 33 9.71 -3.01 8.54
CA ASP A 33 10.01 -2.46 7.23
C ASP A 33 8.82 -2.63 6.28
N GLU A 34 8.03 -3.67 6.51
CA GLU A 34 6.87 -3.95 5.68
C GLU A 34 5.74 -2.95 5.95
N THR A 35 5.55 -2.61 7.22
CA THR A 35 4.51 -1.66 7.61
C THR A 35 4.88 -0.25 7.21
N THR A 36 6.18 0.04 7.18
CA THR A 36 6.67 1.36 6.79
C THR A 36 6.58 1.56 5.29
N TYR A 37 6.82 0.48 4.54
CA TYR A 37 6.76 0.54 3.09
C TYR A 37 5.32 0.72 2.62
N LEU A 38 4.38 0.13 3.35
CA LEU A 38 2.96 0.22 3.01
C LEU A 38 2.47 1.66 3.15
N LYS A 39 2.94 2.34 4.19
CA LYS A 39 2.55 3.72 4.43
C LYS A 39 3.15 4.66 3.39
N ASN A 40 4.34 4.30 2.90
CA ASN A 40 5.02 5.10 1.89
C ASN A 40 4.37 4.92 0.53
N SER A 41 3.79 3.75 0.30
CA SER A 41 3.12 3.46 -0.96
C SER A 41 1.61 3.55 -0.82
N VAL A 42 1.15 4.56 -0.10
CA VAL A 42 -0.27 4.76 0.12
C VAL A 42 -0.87 5.63 -0.96
N CYS A 43 -2.12 5.36 -1.31
CA CYS A 43 -2.82 6.11 -2.35
C CYS A 43 -3.15 7.52 -1.87
N ALA A 44 -2.11 8.30 -1.58
CA ALA A 44 -2.29 9.67 -1.11
C ALA A 44 -3.08 10.49 -2.12
N GLY A 45 -3.71 11.56 -1.63
CA GLY A 45 -4.49 12.41 -2.51
C GLY A 45 -5.94 12.52 -2.05
N PRO A 46 -6.83 11.65 -2.57
CA PRO A 46 -8.24 11.67 -2.21
C PRO A 46 -8.48 11.22 -0.77
N GLU A 47 -9.73 10.98 -0.42
CA GLU A 47 -10.07 10.54 0.93
C GLU A 47 -10.99 9.32 0.90
N ASP A 48 -10.42 8.18 1.22
CA ASP A 48 -11.18 6.92 1.22
C ASP A 48 -10.30 5.73 1.63
N ASN A 49 -9.25 6.01 2.40
CA ASN A 49 -8.34 4.96 2.85
C ASN A 49 -8.00 3.99 1.72
N SER A 50 -6.93 4.28 0.99
CA SER A 50 -6.50 3.43 -0.11
C SER A 50 -5.00 3.22 -0.09
N VAL A 51 -4.54 2.18 -0.79
CA VAL A 51 -3.13 1.84 -0.85
C VAL A 51 -2.69 1.60 -2.29
N CYS A 52 -1.38 1.67 -2.54
CA CYS A 52 -0.84 1.45 -3.87
C CYS A 52 -0.04 0.16 -3.94
N CYS A 53 -0.42 -0.71 -4.86
CA CYS A 53 0.27 -1.99 -5.03
C CYS A 53 0.78 -2.14 -6.46
N GLY A 54 2.10 -2.27 -6.60
CA GLY A 54 2.69 -2.41 -7.91
C GLY A 54 3.53 -3.67 -8.04
N LEU A 1 -6.77 1.58 -10.65
CA LEU A 1 -6.08 2.71 -11.27
C LEU A 1 -4.57 2.56 -11.14
N SER A 2 -3.84 3.11 -12.10
CA SER A 2 -2.39 3.04 -12.08
C SER A 2 -1.79 4.21 -11.29
N CYS A 3 -1.00 3.89 -10.28
CA CYS A 3 -0.39 4.91 -9.44
C CYS A 3 1.13 4.74 -9.39
N LEU A 4 1.85 5.84 -9.18
CA LEU A 4 3.30 5.81 -9.10
C LEU A 4 3.78 5.65 -7.66
N THR A 5 4.55 4.61 -7.41
CA THR A 5 5.08 4.34 -6.07
C THR A 5 6.08 5.41 -5.66
N PRO A 6 6.42 5.49 -4.36
CA PRO A 6 7.38 6.47 -3.86
C PRO A 6 8.68 6.46 -4.66
N ASP A 7 8.98 5.32 -5.26
CA ASP A 7 10.19 5.18 -6.06
C ASP A 7 9.90 5.41 -7.55
N ASN A 8 8.69 5.88 -7.85
CA ASN A 8 8.30 6.15 -9.23
C ASN A 8 8.25 4.87 -10.05
N LYS A 9 7.69 3.81 -9.46
CA LYS A 9 7.58 2.53 -10.14
C LYS A 9 6.13 2.28 -10.55
N PRO A 10 5.86 2.14 -11.86
CA PRO A 10 4.50 1.91 -12.36
C PRO A 10 3.80 0.78 -11.62
N GLY A 11 2.66 1.09 -11.03
CA GLY A 11 1.90 0.10 -10.29
C GLY A 11 0.40 0.35 -10.36
N LYS A 12 -0.32 -0.17 -9.37
CA LYS A 12 -1.77 0.00 -9.33
C LYS A 12 -2.22 0.40 -7.94
N CYS A 13 -3.33 1.15 -7.87
CA CYS A 13 -3.87 1.60 -6.60
C CYS A 13 -5.18 0.88 -6.29
N VAL A 14 -5.24 0.27 -5.11
CA VAL A 14 -6.43 -0.45 -4.68
C VAL A 14 -6.69 -0.25 -3.19
N ASN A 15 -7.94 -0.44 -2.78
CA ASN A 15 -8.33 -0.27 -1.39
C ASN A 15 -7.45 -1.12 -0.47
N ILE A 16 -7.67 -0.99 0.84
CA ILE A 16 -6.91 -1.75 1.82
C ILE A 16 -7.44 -3.17 1.97
N LYS A 17 -8.50 -3.49 1.24
CA LYS A 17 -9.09 -4.82 1.28
C LYS A 17 -8.83 -5.58 -0.02
N LYS A 18 -7.80 -5.16 -0.74
CA LYS A 18 -7.44 -5.80 -2.00
C LYS A 18 -5.93 -6.00 -2.09
N CYS A 19 -5.17 -5.01 -1.61
CA CYS A 19 -3.71 -5.09 -1.63
C CYS A 19 -3.21 -6.33 -0.90
N THR A 20 -2.56 -7.22 -1.64
CA THR A 20 -2.03 -8.46 -1.05
C THR A 20 -0.92 -8.15 -0.06
N HIS A 21 -0.18 -7.08 -0.30
CA HIS A 21 0.91 -6.67 0.59
C HIS A 21 0.39 -6.40 2.00
N LEU A 22 -0.81 -5.83 2.07
CA LEU A 22 -1.42 -5.52 3.37
C LEU A 22 -1.76 -6.79 4.13
N ALA A 23 -2.26 -7.79 3.41
CA ALA A 23 -2.64 -9.06 4.00
C ALA A 23 -1.42 -9.79 4.55
N GLU A 24 -0.29 -9.62 3.89
CA GLU A 24 0.96 -10.25 4.31
C GLU A 24 1.44 -9.69 5.64
N ILE A 25 1.31 -8.38 5.79
CA ILE A 25 1.73 -7.71 7.02
C ILE A 25 0.84 -8.11 8.19
N GLU A 26 -0.45 -8.31 7.91
CA GLU A 26 -1.40 -8.70 8.93
C GLU A 26 -1.11 -10.10 9.45
N GLU A 27 -0.60 -10.97 8.57
CA GLU A 27 -0.27 -12.33 8.94
C GLU A 27 1.13 -12.42 9.53
N ASP A 28 2.02 -11.57 9.06
CA ASP A 28 3.40 -11.54 9.53
C ASP A 28 3.51 -10.72 10.82
N PRO A 29 4.59 -10.94 11.59
CA PRO A 29 4.81 -10.21 12.85
C PRO A 29 4.76 -8.71 12.67
N ILE A 30 5.11 -7.98 13.72
CA ILE A 30 5.10 -6.52 13.68
C ILE A 30 6.43 -5.98 13.15
N GLY A 31 6.54 -4.66 13.08
CA GLY A 31 7.76 -4.04 12.59
C GLY A 31 7.53 -2.62 12.09
N GLU A 32 8.36 -1.70 12.56
CA GLU A 32 8.24 -0.30 12.15
C GLU A 32 8.41 -0.14 10.65
N ASP A 33 9.21 -1.04 10.05
CA ASP A 33 9.46 -1.00 8.62
C ASP A 33 8.17 -1.26 7.84
N GLU A 34 7.25 -2.01 8.45
CA GLU A 34 5.98 -2.32 7.80
C GLU A 34 5.05 -1.11 7.84
N THR A 35 5.14 -0.34 8.91
CA THR A 35 4.30 0.85 9.07
C THR A 35 4.79 1.97 8.16
N THR A 36 6.10 2.06 7.99
CA THR A 36 6.69 3.10 7.14
C THR A 36 6.43 2.80 5.67
N TYR A 37 6.40 1.53 5.33
CA TYR A 37 6.15 1.11 3.95
C TYR A 37 4.72 1.39 3.54
N LEU A 38 3.81 1.27 4.50
CA LEU A 38 2.39 1.51 4.24
C LEU A 38 2.12 3.00 4.05
N LYS A 39 2.80 3.82 4.84
CA LYS A 39 2.65 5.27 4.77
C LYS A 39 3.25 5.82 3.47
N ASN A 40 4.27 5.14 2.98
CA ASN A 40 4.94 5.56 1.75
C ASN A 40 4.10 5.21 0.53
N SER A 41 3.32 4.14 0.63
CA SER A 41 2.48 3.70 -0.47
C SER A 41 1.01 4.03 -0.20
N VAL A 42 0.78 5.24 0.32
CA VAL A 42 -0.58 5.68 0.63
C VAL A 42 -1.23 6.34 -0.58
N CYS A 43 -2.46 5.93 -0.88
CA CYS A 43 -3.19 6.48 -2.01
C CYS A 43 -4.15 7.58 -1.55
N ALA A 44 -3.71 8.37 -0.58
CA ALA A 44 -4.52 9.46 -0.05
C ALA A 44 -5.82 8.93 0.57
N GLY A 45 -5.84 8.86 1.89
CA GLY A 45 -7.02 8.38 2.59
C GLY A 45 -6.88 8.46 4.09
N PRO A 46 -7.89 8.99 4.81
CA PRO A 46 -7.86 9.11 6.27
C PRO A 46 -7.58 7.78 6.95
N GLU A 47 -6.52 7.74 7.75
CA GLU A 47 -6.13 6.53 8.46
C GLU A 47 -5.75 5.41 7.49
N ASP A 48 -6.77 4.76 6.94
CA ASP A 48 -6.53 3.66 5.99
C ASP A 48 -7.77 3.43 5.13
N ASN A 49 -7.56 3.25 3.84
CA ASN A 49 -8.65 3.01 2.90
C ASN A 49 -8.13 2.83 1.48
N SER A 50 -7.11 3.62 1.13
CA SER A 50 -6.51 3.55 -0.20
C SER A 50 -5.01 3.27 -0.10
N VAL A 51 -4.54 2.34 -0.92
CA VAL A 51 -3.13 1.97 -0.92
C VAL A 51 -2.63 1.74 -2.35
N CYS A 52 -1.31 1.76 -2.52
CA CYS A 52 -0.71 1.55 -3.83
C CYS A 52 0.06 0.24 -3.87
N CYS A 53 -0.29 -0.62 -4.82
CA CYS A 53 0.36 -1.92 -4.96
C CYS A 53 0.81 -2.13 -6.41
N GLY A 54 2.11 -2.30 -6.59
CA GLY A 54 2.65 -2.52 -7.92
C GLY A 54 3.17 -3.93 -8.12
N LEU A 1 -6.86 1.49 -10.80
CA LEU A 1 -6.14 2.65 -11.31
C LEU A 1 -4.63 2.43 -11.26
N SER A 2 -3.90 3.08 -12.14
CA SER A 2 -2.45 2.95 -12.18
C SER A 2 -1.77 4.06 -11.39
N CYS A 3 -0.91 3.68 -10.46
CA CYS A 3 -0.19 4.65 -9.63
C CYS A 3 1.28 4.30 -9.53
N LEU A 4 2.08 5.25 -9.05
CA LEU A 4 3.52 5.06 -8.90
C LEU A 4 3.86 4.69 -7.46
N THR A 5 4.53 3.55 -7.29
CA THR A 5 4.92 3.08 -5.97
C THR A 5 5.96 4.02 -5.36
N PRO A 6 6.25 3.87 -4.05
CA PRO A 6 7.22 4.72 -3.37
C PRO A 6 8.55 4.77 -4.11
N ASP A 7 8.84 3.73 -4.88
CA ASP A 7 10.07 3.66 -5.65
C ASP A 7 9.88 4.18 -7.07
N ASN A 8 8.70 4.75 -7.33
CA ASN A 8 8.38 5.29 -8.65
C ASN A 8 8.31 4.19 -9.70
N LYS A 9 7.75 3.05 -9.32
CA LYS A 9 7.62 1.92 -10.23
C LYS A 9 6.17 1.74 -10.64
N PRO A 10 5.91 1.52 -11.95
CA PRO A 10 4.55 1.35 -12.46
C PRO A 10 3.76 0.31 -11.69
N GLY A 11 2.60 0.70 -11.19
CA GLY A 11 1.76 -0.21 -10.44
C GLY A 11 0.29 0.15 -10.51
N LYS A 12 -0.48 -0.33 -9.55
CA LYS A 12 -1.91 -0.05 -9.50
C LYS A 12 -2.35 0.35 -8.10
N CYS A 13 -3.41 1.14 -8.01
CA CYS A 13 -3.92 1.59 -6.73
C CYS A 13 -5.27 0.93 -6.42
N VAL A 14 -5.35 0.34 -5.23
CA VAL A 14 -6.58 -0.33 -4.80
C VAL A 14 -6.94 0.05 -3.37
N ASN A 15 -8.22 -0.09 -3.03
CA ASN A 15 -8.69 0.25 -1.69
C ASN A 15 -7.88 -0.46 -0.61
N ILE A 16 -8.29 -0.31 0.64
CA ILE A 16 -7.59 -0.93 1.76
C ILE A 16 -8.27 -2.25 2.16
N LYS A 17 -8.98 -2.85 1.21
CA LYS A 17 -9.67 -4.11 1.46
C LYS A 17 -9.78 -4.93 0.18
N LYS A 18 -8.82 -4.75 -0.71
CA LYS A 18 -8.82 -5.47 -1.99
C LYS A 18 -7.44 -6.09 -2.25
N CYS A 19 -6.39 -5.32 -2.01
CA CYS A 19 -5.03 -5.80 -2.22
C CYS A 19 -4.69 -6.92 -1.24
N THR A 20 -4.06 -7.97 -1.76
CA THR A 20 -3.67 -9.11 -0.93
C THR A 20 -2.56 -8.71 0.04
N HIS A 21 -1.74 -7.77 -0.36
CA HIS A 21 -0.64 -7.30 0.47
C HIS A 21 -1.16 -6.81 1.82
N LEU A 22 -2.27 -6.09 1.80
CA LEU A 22 -2.87 -5.57 3.01
C LEU A 22 -3.25 -6.71 3.97
N ALA A 23 -3.79 -7.78 3.40
CA ALA A 23 -4.20 -8.94 4.19
C ALA A 23 -2.99 -9.60 4.83
N GLU A 24 -1.86 -9.58 4.13
CA GLU A 24 -0.64 -10.18 4.64
C GLU A 24 -0.11 -9.41 5.84
N ILE A 25 -0.12 -8.08 5.74
CA ILE A 25 0.35 -7.23 6.82
C ILE A 25 -0.56 -7.34 8.04
N GLU A 26 -1.85 -7.53 7.79
CA GLU A 26 -2.82 -7.66 8.88
C GLU A 26 -2.59 -8.94 9.67
N GLU A 27 -2.09 -9.96 8.99
CA GLU A 27 -1.81 -11.25 9.62
C GLU A 27 -0.50 -11.19 10.40
N ASP A 28 0.43 -10.39 9.92
CA ASP A 28 1.74 -10.26 10.58
C ASP A 28 2.20 -8.79 10.56
N PRO A 29 1.42 -7.89 11.19
CA PRO A 29 1.76 -6.47 11.25
C PRO A 29 2.94 -6.19 12.17
N ILE A 30 4.14 -6.14 11.58
CA ILE A 30 5.35 -5.88 12.36
C ILE A 30 6.38 -5.12 11.53
N GLY A 31 7.44 -4.68 12.18
CA GLY A 31 8.48 -3.93 11.48
C GLY A 31 8.08 -2.50 11.21
N GLU A 32 8.75 -1.56 11.87
CA GLU A 32 8.46 -0.14 11.70
C GLU A 32 8.68 0.29 10.25
N ASP A 33 9.64 -0.36 9.59
CA ASP A 33 9.94 -0.05 8.20
C ASP A 33 8.75 -0.36 7.29
N GLU A 34 7.98 -1.38 7.67
CA GLU A 34 6.81 -1.77 6.88
C GLU A 34 5.70 -0.75 7.02
N THR A 35 5.61 -0.14 8.20
CA THR A 35 4.58 0.87 8.46
C THR A 35 4.86 2.15 7.70
N THR A 36 6.15 2.49 7.58
CA THR A 36 6.56 3.70 6.87
C THR A 36 6.30 3.56 5.37
N TYR A 37 6.44 2.34 4.86
CA TYR A 37 6.24 2.07 3.45
C TYR A 37 4.75 2.17 3.10
N LEU A 38 3.90 1.79 4.04
CA LEU A 38 2.45 1.84 3.82
C LEU A 38 1.97 3.28 3.77
N LYS A 39 2.58 4.14 4.57
CA LYS A 39 2.21 5.55 4.61
C LYS A 39 2.65 6.27 3.33
N ASN A 40 3.74 5.79 2.73
CA ASN A 40 4.27 6.38 1.51
C ASN A 40 3.52 5.85 0.29
N SER A 41 3.03 4.61 0.39
CA SER A 41 2.30 3.99 -0.70
C SER A 41 0.79 4.13 -0.50
N VAL A 42 0.36 5.29 0.00
CA VAL A 42 -1.04 5.56 0.24
C VAL A 42 -1.64 6.42 -0.86
N CYS A 43 -2.88 6.12 -1.23
CA CYS A 43 -3.57 6.86 -2.29
C CYS A 43 -4.43 7.97 -1.69
N ALA A 44 -3.92 8.62 -0.65
CA ALA A 44 -4.65 9.71 0.00
C ALA A 44 -3.81 10.35 1.10
N GLY A 45 -4.36 11.39 1.73
CA GLY A 45 -3.64 12.07 2.79
C GLY A 45 -4.17 11.73 4.16
N PRO A 46 -5.14 12.50 4.69
CA PRO A 46 -5.73 12.26 6.01
C PRO A 46 -6.23 10.83 6.16
N GLU A 47 -7.17 10.45 5.30
CA GLU A 47 -7.75 9.11 5.35
C GLU A 47 -6.68 8.06 5.12
N ASP A 48 -7.07 6.79 5.21
CA ASP A 48 -6.14 5.68 5.01
C ASP A 48 -6.86 4.47 4.44
N ASN A 49 -7.90 4.72 3.65
CA ASN A 49 -8.66 3.65 3.03
C ASN A 49 -8.23 3.43 1.58
N SER A 50 -6.98 3.74 1.29
CA SER A 50 -6.44 3.58 -0.06
C SER A 50 -4.96 3.23 0.00
N VAL A 51 -4.52 2.38 -0.92
CA VAL A 51 -3.12 1.97 -0.97
C VAL A 51 -2.67 1.73 -2.41
N CYS A 52 -1.36 1.72 -2.62
CA CYS A 52 -0.80 1.50 -3.94
C CYS A 52 -0.08 0.16 -4.02
N CYS A 53 -0.49 -0.66 -4.97
CA CYS A 53 0.10 -1.99 -5.15
C CYS A 53 0.78 -2.10 -6.51
N GLY A 54 2.08 -2.35 -6.50
CA GLY A 54 2.83 -2.47 -7.74
C GLY A 54 3.56 -3.79 -7.85
N LEU A 1 -7.26 0.89 -10.50
CA LEU A 1 -6.63 2.16 -10.85
C LEU A 1 -5.13 2.02 -10.92
N SER A 2 -4.49 2.86 -11.73
CA SER A 2 -3.04 2.82 -11.88
C SER A 2 -2.37 3.89 -11.01
N CYS A 3 -1.48 3.44 -10.12
CA CYS A 3 -0.77 4.35 -9.22
C CYS A 3 0.74 4.20 -9.34
N LEU A 4 1.46 5.24 -8.94
CA LEU A 4 2.92 5.23 -8.99
C LEU A 4 3.51 5.16 -7.58
N THR A 5 4.31 4.13 -7.34
CA THR A 5 4.94 3.95 -6.03
C THR A 5 6.08 4.95 -5.83
N PRO A 6 6.66 5.01 -4.62
CA PRO A 6 7.75 5.94 -4.32
C PRO A 6 8.89 5.81 -5.32
N ASP A 7 9.06 4.61 -5.85
CA ASP A 7 10.10 4.35 -6.84
C ASP A 7 9.66 4.81 -8.23
N ASN A 8 8.40 5.22 -8.34
CA ASN A 8 7.84 5.68 -9.61
C ASN A 8 7.68 4.53 -10.60
N LYS A 9 7.27 3.38 -10.08
CA LYS A 9 7.05 2.20 -10.90
C LYS A 9 5.56 1.97 -11.11
N PRO A 10 5.04 2.22 -12.33
CA PRO A 10 3.62 2.05 -12.64
C PRO A 10 3.04 0.77 -12.06
N GLY A 11 1.98 0.93 -11.27
CA GLY A 11 1.33 -0.21 -10.66
C GLY A 11 -0.18 -0.04 -10.61
N LYS A 12 -0.81 -0.56 -9.56
CA LYS A 12 -2.25 -0.47 -9.42
C LYS A 12 -2.63 -0.05 -8.01
N CYS A 13 -3.73 0.68 -7.89
CA CYS A 13 -4.21 1.14 -6.60
C CYS A 13 -5.49 0.41 -6.18
N VAL A 14 -5.49 -0.10 -4.96
CA VAL A 14 -6.62 -0.82 -4.42
C VAL A 14 -6.84 -0.48 -2.95
N ASN A 15 -8.07 -0.69 -2.47
CA ASN A 15 -8.41 -0.40 -1.08
C ASN A 15 -7.47 -1.16 -0.13
N ILE A 16 -7.75 -1.04 1.16
CA ILE A 16 -6.92 -1.71 2.18
C ILE A 16 -7.47 -3.10 2.50
N LYS A 17 -8.41 -3.56 1.68
CA LYS A 17 -9.01 -4.88 1.88
C LYS A 17 -9.12 -5.62 0.55
N LYS A 18 -8.24 -5.30 -0.38
CA LYS A 18 -8.23 -5.94 -1.69
C LYS A 18 -6.86 -6.54 -2.00
N CYS A 19 -5.82 -5.77 -1.72
CA CYS A 19 -4.45 -6.22 -1.96
C CYS A 19 -4.08 -7.37 -1.02
N THR A 20 -3.83 -8.54 -1.60
CA THR A 20 -3.48 -9.72 -0.81
C THR A 20 -2.24 -9.46 0.04
N HIS A 21 -1.36 -8.60 -0.46
CA HIS A 21 -0.13 -8.28 0.25
C HIS A 21 -0.44 -7.64 1.61
N LEU A 22 -1.51 -6.84 1.65
CA LEU A 22 -1.92 -6.18 2.88
C LEU A 22 -2.47 -7.19 3.89
N ALA A 23 -3.28 -8.12 3.39
CA ALA A 23 -3.87 -9.14 4.23
C ALA A 23 -2.80 -10.07 4.82
N GLU A 24 -1.72 -10.26 4.07
CA GLU A 24 -0.62 -11.12 4.51
C GLU A 24 0.13 -10.48 5.67
N ILE A 25 0.34 -9.18 5.58
CA ILE A 25 1.05 -8.45 6.63
C ILE A 25 0.24 -8.40 7.92
N GLU A 26 -1.09 -8.31 7.77
CA GLU A 26 -1.98 -8.25 8.92
C GLU A 26 -2.00 -9.59 9.67
N GLU A 27 -1.87 -10.68 8.92
CA GLU A 27 -1.87 -12.01 9.52
C GLU A 27 -0.47 -12.41 9.98
N ASP A 28 0.54 -11.97 9.22
CA ASP A 28 1.92 -12.27 9.56
C ASP A 28 2.51 -11.22 10.49
N PRO A 29 3.63 -11.54 11.16
CA PRO A 29 4.28 -10.61 12.10
C PRO A 29 4.51 -9.23 11.48
N ILE A 30 4.02 -8.20 12.16
CA ILE A 30 4.16 -6.83 11.68
C ILE A 30 5.15 -6.05 12.54
N GLY A 31 5.72 -5.00 11.98
CA GLY A 31 6.68 -4.18 12.70
C GLY A 31 6.60 -2.72 12.31
N GLU A 32 7.50 -1.91 12.87
CA GLU A 32 7.53 -0.48 12.59
C GLU A 32 7.91 -0.24 11.13
N ASP A 33 8.76 -1.11 10.59
CA ASP A 33 9.20 -0.99 9.20
C ASP A 33 8.06 -1.29 8.24
N GLU A 34 7.18 -2.21 8.64
CA GLU A 34 6.05 -2.60 7.81
C GLU A 34 5.02 -1.48 7.74
N THR A 35 4.88 -0.73 8.82
CA THR A 35 3.94 0.38 8.87
C THR A 35 4.39 1.53 7.98
N THR A 36 5.70 1.74 7.92
CA THR A 36 6.26 2.81 7.11
C THR A 36 6.17 2.46 5.62
N TYR A 37 6.29 1.18 5.31
CA TYR A 37 6.22 0.72 3.93
C TYR A 37 4.80 0.86 3.39
N LEU A 38 3.81 0.66 4.27
CA LEU A 38 2.42 0.77 3.88
C LEU A 38 2.05 2.21 3.55
N LYS A 39 2.53 3.13 4.37
CA LYS A 39 2.26 4.55 4.16
C LYS A 39 3.01 5.08 2.95
N ASN A 40 4.18 4.50 2.68
CA ASN A 40 4.99 4.90 1.55
C ASN A 40 4.38 4.41 0.24
N SER A 41 3.71 3.27 0.29
CA SER A 41 3.08 2.70 -0.89
C SER A 41 1.59 3.04 -0.93
N VAL A 42 1.26 4.27 -0.53
CA VAL A 42 -0.12 4.72 -0.53
C VAL A 42 -0.49 5.36 -1.85
N CYS A 43 -1.76 5.73 -1.99
CA CYS A 43 -2.25 6.34 -3.22
C CYS A 43 -2.24 7.87 -3.12
N ALA A 44 -1.32 8.40 -2.31
CA ALA A 44 -1.20 9.84 -2.13
C ALA A 44 -2.54 10.47 -1.75
N GLY A 45 -2.54 11.79 -1.58
CA GLY A 45 -3.75 12.49 -1.22
C GLY A 45 -4.26 12.13 0.18
N PRO A 46 -4.70 13.12 0.97
CA PRO A 46 -5.19 12.89 2.33
C PRO A 46 -6.59 12.28 2.33
N GLU A 47 -6.96 11.66 3.45
CA GLU A 47 -8.27 11.03 3.61
C GLU A 47 -8.66 10.21 2.38
N ASP A 48 -8.57 8.89 2.50
CA ASP A 48 -8.91 7.99 1.40
C ASP A 48 -8.93 6.54 1.86
N ASN A 49 -7.98 6.19 2.73
CA ASN A 49 -7.89 4.83 3.26
C ASN A 49 -7.58 3.84 2.13
N SER A 50 -6.84 4.31 1.13
CA SER A 50 -6.47 3.46 0.00
C SER A 50 -4.98 3.13 0.03
N VAL A 51 -4.57 2.24 -0.86
CA VAL A 51 -3.16 1.84 -0.93
C VAL A 51 -2.72 1.62 -2.38
N CYS A 52 -1.42 1.66 -2.60
CA CYS A 52 -0.86 1.46 -3.94
C CYS A 52 -0.09 0.15 -4.02
N CYS A 53 -0.48 -0.70 -4.96
CA CYS A 53 0.16 -2.00 -5.13
C CYS A 53 0.79 -2.11 -6.52
N GLY A 54 2.11 -2.31 -6.55
CA GLY A 54 2.81 -2.43 -7.81
C GLY A 54 3.65 -3.69 -7.89
N LEU A 1 -7.44 1.03 -10.07
CA LEU A 1 -6.64 1.99 -10.81
C LEU A 1 -5.17 1.57 -10.83
N SER A 2 -4.45 1.99 -11.86
CA SER A 2 -3.03 1.65 -12.00
C SER A 2 -2.17 2.62 -11.20
N CYS A 3 -1.26 2.08 -10.40
CA CYS A 3 -0.38 2.90 -9.57
C CYS A 3 1.09 2.56 -9.83
N LEU A 4 1.97 3.52 -9.54
CA LEU A 4 3.39 3.34 -9.74
C LEU A 4 4.14 3.40 -8.41
N THR A 5 4.88 2.33 -8.10
CA THR A 5 5.64 2.25 -6.86
C THR A 5 6.85 3.19 -6.93
N PRO A 6 7.55 3.40 -5.80
CA PRO A 6 8.72 4.28 -5.75
C PRO A 6 9.73 3.93 -6.84
N ASP A 7 9.74 2.67 -7.25
CA ASP A 7 10.65 2.20 -8.29
C ASP A 7 10.02 2.33 -9.69
N ASN A 8 8.83 2.95 -9.73
CA ASN A 8 8.12 3.15 -10.99
C ASN A 8 7.58 1.83 -11.53
N LYS A 9 7.23 0.93 -10.63
CA LYS A 9 6.68 -0.37 -11.02
C LYS A 9 5.18 -0.23 -11.29
N PRO A 10 4.70 -0.70 -12.47
CA PRO A 10 3.30 -0.60 -12.82
C PRO A 10 2.43 -1.67 -12.15
N GLY A 11 1.63 -1.22 -11.19
CA GLY A 11 0.74 -2.13 -10.48
C GLY A 11 -0.68 -1.61 -10.43
N LYS A 12 -1.36 -1.88 -9.32
CA LYS A 12 -2.73 -1.44 -9.15
C LYS A 12 -2.94 -0.84 -7.77
N CYS A 13 -3.90 0.07 -7.66
CA CYS A 13 -4.20 0.73 -6.39
C CYS A 13 -5.55 0.25 -5.86
N VAL A 14 -5.54 -0.25 -4.63
CA VAL A 14 -6.75 -0.74 -3.99
C VAL A 14 -6.83 -0.29 -2.54
N ASN A 15 -8.05 -0.26 -2.00
CA ASN A 15 -8.27 0.16 -0.62
C ASN A 15 -7.43 -0.68 0.34
N ILE A 16 -7.75 -0.59 1.63
CA ILE A 16 -7.04 -1.34 2.66
C ILE A 16 -7.77 -2.62 3.02
N LYS A 17 -8.39 -3.22 2.01
CA LYS A 17 -9.14 -4.45 2.19
C LYS A 17 -9.22 -5.24 0.88
N LYS A 18 -8.07 -5.40 0.23
CA LYS A 18 -8.01 -6.13 -1.04
C LYS A 18 -6.61 -6.64 -1.31
N CYS A 19 -5.61 -5.77 -1.13
CA CYS A 19 -4.22 -6.14 -1.37
C CYS A 19 -3.76 -7.20 -0.37
N THR A 20 -3.10 -8.24 -0.88
CA THR A 20 -2.60 -9.31 -0.04
C THR A 20 -1.43 -8.85 0.81
N HIS A 21 -0.67 -7.89 0.29
CA HIS A 21 0.49 -7.35 1.00
C HIS A 21 0.08 -6.83 2.37
N LEU A 22 -1.12 -6.28 2.46
CA LEU A 22 -1.63 -5.73 3.72
C LEU A 22 -1.87 -6.85 4.72
N ALA A 23 -2.41 -7.97 4.23
CA ALA A 23 -2.70 -9.11 5.08
C ALA A 23 -1.42 -9.71 5.64
N GLU A 24 -0.35 -9.62 4.85
CA GLU A 24 0.95 -10.17 5.26
C GLU A 24 1.50 -9.38 6.45
N ILE A 25 1.38 -8.07 6.39
CA ILE A 25 1.87 -7.20 7.46
C ILE A 25 1.04 -7.38 8.72
N GLU A 26 -0.26 -7.56 8.54
CA GLU A 26 -1.18 -7.74 9.66
C GLU A 26 -0.94 -9.10 10.34
N GLU A 27 -0.53 -10.08 9.54
CA GLU A 27 -0.28 -11.42 10.06
C GLU A 27 0.97 -11.44 10.94
N ASP A 28 1.93 -10.56 10.63
CA ASP A 28 3.17 -10.49 11.39
C ASP A 28 3.68 -9.05 11.46
N PRO A 29 3.53 -8.39 12.62
CA PRO A 29 3.98 -7.00 12.80
C PRO A 29 5.51 -6.88 12.78
N ILE A 30 6.01 -5.73 13.22
CA ILE A 30 7.44 -5.49 13.24
C ILE A 30 8.01 -5.33 11.83
N GLY A 31 9.16 -4.67 11.73
CA GLY A 31 9.78 -4.47 10.44
C GLY A 31 9.69 -3.02 9.97
N GLU A 32 10.76 -2.27 10.20
CA GLU A 32 10.80 -0.85 9.81
C GLU A 32 10.59 -0.71 8.30
N ASP A 33 11.08 -1.69 7.55
CA ASP A 33 10.95 -1.66 6.10
C ASP A 33 9.50 -1.92 5.68
N GLU A 34 8.79 -2.72 6.48
CA GLU A 34 7.41 -3.05 6.19
C GLU A 34 6.51 -1.85 6.43
N THR A 35 6.77 -1.12 7.51
CA THR A 35 5.98 0.05 7.87
C THR A 35 6.26 1.19 6.90
N THR A 36 7.51 1.29 6.45
CA THR A 36 7.90 2.33 5.52
C THR A 36 7.32 2.08 4.14
N TYR A 37 7.20 0.81 3.78
CA TYR A 37 6.65 0.42 2.49
C TYR A 37 5.17 0.78 2.39
N LEU A 38 4.47 0.67 3.52
CA LEU A 38 3.05 0.99 3.56
C LEU A 38 2.83 2.50 3.47
N LYS A 39 3.69 3.27 4.14
CA LYS A 39 3.60 4.71 4.13
C LYS A 39 3.99 5.28 2.77
N ASN A 40 4.93 4.62 2.11
CA ASN A 40 5.39 5.06 0.80
C ASN A 40 4.45 4.58 -0.30
N SER A 41 3.77 3.46 -0.06
CA SER A 41 2.83 2.91 -1.02
C SER A 41 1.41 3.32 -0.69
N VAL A 42 1.24 4.56 -0.23
CA VAL A 42 -0.07 5.08 0.12
C VAL A 42 -0.73 5.75 -1.08
N CYS A 43 -2.01 5.47 -1.27
CA CYS A 43 -2.77 6.04 -2.39
C CYS A 43 -3.54 7.27 -1.95
N ALA A 44 -3.01 7.98 -0.95
CA ALA A 44 -3.66 9.18 -0.44
C ALA A 44 -2.69 10.02 0.38
N GLY A 45 -3.21 11.10 0.97
CA GLY A 45 -2.38 11.97 1.78
C GLY A 45 -2.82 12.02 3.23
N PRO A 46 -3.91 12.75 3.52
CA PRO A 46 -4.44 12.88 4.90
C PRO A 46 -5.03 11.57 5.41
N GLU A 47 -5.62 10.80 4.50
CA GLU A 47 -6.22 9.52 4.87
C GLU A 47 -5.34 8.36 4.44
N ASP A 48 -5.71 7.15 4.85
CA ASP A 48 -4.94 5.96 4.52
C ASP A 48 -5.87 4.81 4.11
N ASN A 49 -7.01 5.16 3.53
CA ASN A 49 -7.98 4.17 3.10
C ASN A 49 -7.55 3.52 1.78
N SER A 50 -6.84 4.29 0.96
CA SER A 50 -6.37 3.79 -0.32
C SER A 50 -4.90 3.41 -0.24
N VAL A 51 -4.55 2.29 -0.88
CA VAL A 51 -3.18 1.81 -0.88
C VAL A 51 -2.70 1.51 -2.31
N CYS A 52 -1.39 1.48 -2.48
CA CYS A 52 -0.80 1.20 -3.78
C CYS A 52 -0.09 -0.14 -3.79
N CYS A 53 -0.34 -0.95 -4.82
CA CYS A 53 0.28 -2.26 -4.92
C CYS A 53 0.81 -2.50 -6.34
N GLY A 54 2.12 -2.70 -6.44
CA GLY A 54 2.73 -2.93 -7.73
C GLY A 54 3.15 -1.65 -8.42
N LEU A 1 -7.26 1.97 -10.13
CA LEU A 1 -6.51 3.16 -10.52
C LEU A 1 -5.02 2.86 -10.55
N SER A 2 -4.28 3.60 -11.37
CA SER A 2 -2.85 3.43 -11.50
C SER A 2 -2.11 4.37 -10.55
N CYS A 3 -1.28 3.81 -9.68
CA CYS A 3 -0.52 4.60 -8.72
C CYS A 3 0.98 4.33 -8.83
N LEU A 4 1.78 5.35 -8.54
CA LEU A 4 3.22 5.23 -8.60
C LEU A 4 3.81 5.00 -7.21
N THR A 5 4.54 3.90 -7.05
CA THR A 5 5.15 3.56 -5.77
C THR A 5 6.15 4.64 -5.36
N PRO A 6 6.63 4.61 -4.09
CA PRO A 6 7.59 5.60 -3.60
C PRO A 6 8.79 5.75 -4.53
N ASP A 7 9.08 4.70 -5.30
CA ASP A 7 10.20 4.73 -6.23
C ASP A 7 9.75 5.13 -7.64
N ASN A 8 8.48 5.52 -7.77
CA ASN A 8 7.93 5.93 -9.06
C ASN A 8 7.80 4.74 -10.00
N LYS A 9 7.46 3.58 -9.44
CA LYS A 9 7.29 2.37 -10.22
C LYS A 9 5.82 2.16 -10.57
N PRO A 10 5.48 2.15 -11.88
CA PRO A 10 4.10 1.97 -12.32
C PRO A 10 3.42 0.77 -11.67
N GLY A 11 2.29 1.01 -11.02
CA GLY A 11 1.57 -0.05 -10.36
C GLY A 11 0.07 0.18 -10.37
N LYS A 12 -0.62 -0.35 -9.38
CA LYS A 12 -2.06 -0.19 -9.28
C LYS A 12 -2.47 0.18 -7.86
N CYS A 13 -3.59 0.90 -7.73
CA CYS A 13 -4.09 1.31 -6.43
C CYS A 13 -5.37 0.56 -6.08
N VAL A 14 -5.36 -0.07 -4.90
CA VAL A 14 -6.52 -0.82 -4.43
C VAL A 14 -6.77 -0.57 -2.95
N ASN A 15 -8.00 -0.79 -2.52
CA ASN A 15 -8.37 -0.58 -1.12
C ASN A 15 -7.40 -1.31 -0.18
N ILE A 16 -7.62 -1.14 1.12
CA ILE A 16 -6.77 -1.77 2.14
C ILE A 16 -7.23 -3.19 2.44
N LYS A 17 -8.23 -3.67 1.70
CA LYS A 17 -8.76 -5.01 1.90
C LYS A 17 -8.82 -5.77 0.58
N LYS A 18 -7.98 -5.37 -0.37
CA LYS A 18 -7.93 -6.01 -1.67
C LYS A 18 -6.51 -6.49 -2.00
N CYS A 19 -5.53 -5.66 -1.67
CA CYS A 19 -4.13 -6.00 -1.93
C CYS A 19 -3.69 -7.17 -1.06
N THR A 20 -3.11 -8.17 -1.69
CA THR A 20 -2.64 -9.37 -0.98
C THR A 20 -1.55 -9.00 0.02
N HIS A 21 -0.73 -8.01 -0.33
CA HIS A 21 0.34 -7.57 0.55
C HIS A 21 -0.19 -7.11 1.90
N LEU A 22 -1.21 -6.26 1.86
CA LEU A 22 -1.82 -5.73 3.07
C LEU A 22 -2.37 -6.87 3.93
N ALA A 23 -2.97 -7.86 3.27
CA ALA A 23 -3.54 -9.01 3.97
C ALA A 23 -2.45 -9.82 4.65
N GLU A 24 -1.27 -9.85 4.05
CA GLU A 24 -0.15 -10.60 4.61
C GLU A 24 0.36 -9.94 5.89
N ILE A 25 0.36 -8.62 5.90
CA ILE A 25 0.83 -7.86 7.07
C ILE A 25 -0.10 -8.06 8.26
N GLU A 26 -1.41 -8.04 7.99
CA GLU A 26 -2.41 -8.22 9.04
C GLU A 26 -2.40 -9.66 9.56
N GLU A 27 -2.16 -10.60 8.67
CA GLU A 27 -2.12 -12.01 9.04
C GLU A 27 -0.92 -12.32 9.92
N ASP A 28 0.17 -11.59 9.70
CA ASP A 28 1.39 -11.78 10.48
C ASP A 28 2.13 -10.46 10.65
N PRO A 29 1.58 -9.54 11.47
CA PRO A 29 2.20 -8.24 11.73
C PRO A 29 3.63 -8.37 12.23
N ILE A 30 4.58 -8.44 11.31
CA ILE A 30 5.99 -8.56 11.66
C ILE A 30 6.86 -7.67 10.78
N GLY A 31 7.85 -7.03 11.39
CA GLY A 31 8.75 -6.16 10.65
C GLY A 31 8.21 -4.74 10.54
N GLU A 32 8.70 -3.86 11.40
CA GLU A 32 8.26 -2.46 11.39
C GLU A 32 8.69 -1.77 10.10
N ASP A 33 9.81 -2.20 9.54
CA ASP A 33 10.32 -1.61 8.31
C ASP A 33 9.44 -1.97 7.13
N GLU A 34 8.88 -3.18 7.16
CA GLU A 34 8.00 -3.65 6.09
C GLU A 34 6.65 -2.96 6.16
N THR A 35 6.19 -2.67 7.37
CA THR A 35 4.91 -2.02 7.58
C THR A 35 4.99 -0.54 7.18
N THR A 36 6.17 0.04 7.36
CA THR A 36 6.38 1.44 7.01
C THR A 36 6.38 1.64 5.50
N TYR A 37 6.92 0.66 4.78
CA TYR A 37 6.97 0.73 3.33
C TYR A 37 5.57 0.67 2.73
N LEU A 38 4.72 -0.17 3.30
CA LEU A 38 3.35 -0.31 2.84
C LEU A 38 2.57 0.98 3.05
N LYS A 39 2.76 1.59 4.21
CA LYS A 39 2.09 2.83 4.54
C LYS A 39 2.62 3.98 3.67
N ASN A 40 3.89 3.89 3.30
CA ASN A 40 4.52 4.90 2.46
C ASN A 40 3.92 4.89 1.07
N SER A 41 3.45 3.73 0.63
CA SER A 41 2.84 3.59 -0.69
C SER A 41 1.33 3.72 -0.61
N VAL A 42 0.87 4.61 0.27
CA VAL A 42 -0.56 4.84 0.44
C VAL A 42 -1.10 5.78 -0.63
N CYS A 43 -2.28 5.46 -1.14
CA CYS A 43 -2.92 6.27 -2.17
C CYS A 43 -3.38 7.61 -1.60
N ALA A 44 -2.43 8.41 -1.14
CA ALA A 44 -2.74 9.72 -0.57
C ALA A 44 -3.48 10.60 -1.57
N GLY A 45 -4.11 11.65 -1.07
CA GLY A 45 -4.86 12.55 -1.94
C GLY A 45 -6.22 12.91 -1.36
N PRO A 46 -7.21 13.18 -2.23
CA PRO A 46 -8.56 13.54 -1.80
C PRO A 46 -9.30 12.36 -1.16
N GLU A 47 -8.95 11.15 -1.58
CA GLU A 47 -9.57 9.95 -1.06
C GLU A 47 -8.72 9.33 0.05
N ASP A 48 -9.35 8.51 0.88
CA ASP A 48 -8.65 7.85 1.98
C ASP A 48 -8.94 6.36 2.00
N ASN A 49 -8.31 5.65 2.93
CA ASN A 49 -8.51 4.20 3.05
C ASN A 49 -8.08 3.49 1.77
N SER A 50 -7.04 4.02 1.11
CA SER A 50 -6.54 3.43 -0.12
C SER A 50 -5.05 3.15 -0.03
N VAL A 51 -4.57 2.28 -0.90
CA VAL A 51 -3.16 1.91 -0.92
C VAL A 51 -2.67 1.69 -2.35
N CYS A 52 -1.35 1.75 -2.54
CA CYS A 52 -0.76 1.55 -3.86
C CYS A 52 0.04 0.26 -3.91
N CYS A 53 -0.31 -0.61 -4.84
CA CYS A 53 0.38 -1.89 -4.99
C CYS A 53 0.86 -2.08 -6.44
N GLY A 54 2.14 -2.34 -6.60
CA GLY A 54 2.70 -2.54 -7.91
C GLY A 54 3.24 -3.94 -8.11
N LEU A 1 -7.66 0.80 -10.14
CA LEU A 1 -7.03 2.07 -10.48
C LEU A 1 -5.52 1.90 -10.62
N SER A 2 -4.91 2.76 -11.42
CA SER A 2 -3.47 2.71 -11.64
C SER A 2 -2.74 3.78 -10.82
N CYS A 3 -1.78 3.37 -10.01
CA CYS A 3 -1.03 4.30 -9.18
C CYS A 3 0.47 4.09 -9.35
N LEU A 4 1.26 5.07 -8.92
CA LEU A 4 2.71 5.00 -9.01
C LEU A 4 3.33 4.54 -7.70
N THR A 5 4.08 3.45 -7.76
CA THR A 5 4.73 2.90 -6.57
C THR A 5 5.85 3.82 -6.10
N PRO A 6 6.39 3.59 -4.89
CA PRO A 6 7.47 4.41 -4.33
C PRO A 6 8.63 4.56 -5.32
N ASP A 7 8.77 3.60 -6.22
CA ASP A 7 9.83 3.62 -7.21
C ASP A 7 9.36 4.29 -8.52
N ASN A 8 8.13 4.81 -8.51
CA ASN A 8 7.58 5.47 -9.67
C ASN A 8 7.33 4.47 -10.80
N LYS A 9 6.90 3.27 -10.44
CA LYS A 9 6.62 2.23 -11.42
C LYS A 9 5.11 2.02 -11.56
N PRO A 10 4.61 1.87 -12.80
CA PRO A 10 3.18 1.67 -13.04
C PRO A 10 2.61 0.51 -12.24
N GLY A 11 1.67 0.81 -11.37
CA GLY A 11 1.06 -0.22 -10.55
C GLY A 11 -0.45 -0.06 -10.47
N LYS A 12 -1.04 -0.58 -9.39
CA LYS A 12 -2.49 -0.49 -9.22
C LYS A 12 -2.84 -0.06 -7.80
N CYS A 13 -3.94 0.68 -7.66
CA CYS A 13 -4.39 1.16 -6.36
C CYS A 13 -5.66 0.43 -5.93
N VAL A 14 -5.61 -0.13 -4.73
CA VAL A 14 -6.76 -0.85 -4.17
C VAL A 14 -6.90 -0.60 -2.68
N ASN A 15 -8.11 -0.79 -2.16
CA ASN A 15 -8.38 -0.58 -0.74
C ASN A 15 -7.37 -1.33 0.13
N ILE A 16 -7.50 -1.17 1.44
CA ILE A 16 -6.61 -1.81 2.39
C ILE A 16 -6.99 -3.28 2.62
N LYS A 17 -8.07 -3.71 1.98
CA LYS A 17 -8.55 -5.08 2.13
C LYS A 17 -8.38 -5.85 0.82
N LYS A 18 -7.46 -5.39 -0.02
CA LYS A 18 -7.20 -6.03 -1.31
C LYS A 18 -5.71 -6.12 -1.59
N CYS A 19 -4.97 -5.07 -1.23
CA CYS A 19 -3.53 -5.04 -1.44
C CYS A 19 -2.86 -6.25 -0.78
N THR A 20 -2.04 -6.94 -1.55
CA THR A 20 -1.34 -8.13 -1.06
C THR A 20 -0.23 -7.78 -0.07
N HIS A 21 0.52 -6.73 -0.36
CA HIS A 21 1.61 -6.31 0.52
C HIS A 21 1.12 -6.05 1.94
N LEU A 22 -0.11 -5.56 2.05
CA LEU A 22 -0.71 -5.27 3.34
C LEU A 22 -0.97 -6.56 4.11
N ALA A 23 -1.47 -7.57 3.42
CA ALA A 23 -1.76 -8.85 4.04
C ALA A 23 -0.48 -9.53 4.53
N GLU A 24 0.63 -9.25 3.84
CA GLU A 24 1.92 -9.84 4.21
C GLU A 24 2.44 -9.24 5.51
N ILE A 25 2.33 -7.93 5.63
CA ILE A 25 2.80 -7.23 6.83
C ILE A 25 1.94 -7.61 8.04
N GLU A 26 0.66 -7.83 7.80
CA GLU A 26 -0.26 -8.20 8.88
C GLU A 26 0.08 -9.58 9.43
N GLU A 27 0.60 -10.45 8.56
CA GLU A 27 0.97 -11.80 8.97
C GLU A 27 2.40 -11.82 9.53
N ASP A 28 3.25 -10.94 9.01
CA ASP A 28 4.63 -10.87 9.47
C ASP A 28 4.78 -9.83 10.58
N PRO A 29 5.89 -9.91 11.33
CA PRO A 29 6.16 -8.97 12.44
C PRO A 29 6.06 -7.51 12.00
N ILE A 30 6.42 -6.61 12.91
CA ILE A 30 6.37 -5.18 12.62
C ILE A 30 7.72 -4.68 12.11
N GLY A 31 7.79 -3.39 11.80
CA GLY A 31 9.02 -2.81 11.30
C GLY A 31 8.85 -1.36 10.86
N GLU A 32 9.81 -0.53 11.20
CA GLU A 32 9.76 0.88 10.85
C GLU A 32 9.71 1.05 9.33
N ASP A 33 10.37 0.15 8.62
CA ASP A 33 10.40 0.20 7.15
C ASP A 33 9.00 -0.04 6.58
N GLU A 34 8.21 -0.84 7.28
CA GLU A 34 6.85 -1.15 6.83
C GLU A 34 5.95 0.08 6.91
N THR A 35 6.18 0.90 7.91
CA THR A 35 5.40 2.12 8.11
C THR A 35 5.79 3.18 7.08
N THR A 36 7.08 3.22 6.74
CA THR A 36 7.58 4.18 5.77
C THR A 36 7.14 3.79 4.36
N TYR A 37 7.05 2.50 4.10
CA TYR A 37 6.65 2.00 2.80
C TYR A 37 5.17 2.27 2.54
N LEU A 38 4.38 2.21 3.61
CA LEU A 38 2.95 2.46 3.50
C LEU A 38 2.66 3.92 3.16
N LYS A 39 3.47 4.82 3.73
CA LYS A 39 3.30 6.24 3.49
C LYS A 39 3.74 6.61 2.07
N ASN A 40 4.70 5.85 1.55
CA ASN A 40 5.20 6.09 0.20
C ASN A 40 4.32 5.43 -0.84
N SER A 41 3.67 4.33 -0.44
CA SER A 41 2.78 3.60 -1.35
C SER A 41 1.33 4.02 -1.14
N VAL A 42 1.12 5.30 -0.89
CA VAL A 42 -0.23 5.82 -0.67
C VAL A 42 -0.75 6.52 -1.92
N CYS A 43 -2.05 6.44 -2.13
CA CYS A 43 -2.68 7.06 -3.30
C CYS A 43 -3.26 8.43 -2.94
N ALA A 44 -2.56 9.15 -2.08
CA ALA A 44 -2.99 10.49 -1.65
C ALA A 44 -4.40 10.44 -1.05
N GLY A 45 -4.83 11.56 -0.49
CA GLY A 45 -6.14 11.63 0.12
C GLY A 45 -6.16 11.10 1.54
N PRO A 46 -6.01 12.00 2.54
CA PRO A 46 -6.00 11.60 3.95
C PRO A 46 -7.20 10.72 4.31
N GLU A 47 -8.40 11.18 3.94
CA GLU A 47 -9.61 10.43 4.22
C GLU A 47 -10.11 9.72 2.97
N ASP A 48 -9.96 8.40 2.95
CA ASP A 48 -10.39 7.58 1.81
C ASP A 48 -10.06 6.12 2.03
N ASN A 49 -8.91 5.87 2.65
CA ASN A 49 -8.46 4.50 2.92
C ASN A 49 -8.11 3.78 1.62
N SER A 50 -6.94 4.08 1.08
CA SER A 50 -6.49 3.48 -0.17
C SER A 50 -4.98 3.26 -0.16
N VAL A 51 -4.53 2.18 -0.80
CA VAL A 51 -3.11 1.87 -0.85
C VAL A 51 -2.67 1.63 -2.30
N CYS A 52 -1.36 1.69 -2.54
CA CYS A 52 -0.82 1.49 -3.87
C CYS A 52 -0.04 0.18 -3.94
N CYS A 53 -0.42 -0.69 -4.87
CA CYS A 53 0.24 -1.97 -5.04
C CYS A 53 0.77 -2.12 -6.47
N GLY A 54 2.08 -2.29 -6.59
CA GLY A 54 2.69 -2.44 -7.89
C GLY A 54 3.52 -3.70 -8.00
N LEU A 1 -7.27 1.44 -10.27
CA LEU A 1 -6.60 2.42 -11.10
C LEU A 1 -5.09 2.28 -11.02
N SER A 2 -4.40 2.64 -12.09
CA SER A 2 -2.94 2.54 -12.13
C SER A 2 -2.30 3.74 -11.43
N CYS A 3 -1.46 3.46 -10.44
CA CYS A 3 -0.78 4.51 -9.69
C CYS A 3 0.73 4.32 -9.73
N LEU A 4 1.46 5.39 -9.45
CA LEU A 4 2.93 5.33 -9.44
C LEU A 4 3.45 5.07 -8.04
N THR A 5 4.26 4.03 -7.90
CA THR A 5 4.84 3.66 -6.62
C THR A 5 5.72 4.79 -6.09
N PRO A 6 6.13 4.71 -4.80
CA PRO A 6 6.98 5.74 -4.18
C PRO A 6 8.23 6.03 -5.02
N ASP A 7 8.66 5.04 -5.80
CA ASP A 7 9.83 5.18 -6.65
C ASP A 7 9.43 5.56 -8.08
N ASN A 8 8.15 5.85 -8.28
CA ASN A 8 7.64 6.23 -9.61
C ASN A 8 7.61 5.03 -10.54
N LYS A 9 7.22 3.88 -10.02
CA LYS A 9 7.15 2.66 -10.81
C LYS A 9 5.69 2.30 -11.12
N PRO A 10 5.41 1.86 -12.36
CA PRO A 10 4.05 1.48 -12.76
C PRO A 10 3.42 0.46 -11.82
N GLY A 11 2.25 0.80 -11.30
CA GLY A 11 1.56 -0.08 -10.38
C GLY A 11 0.05 0.12 -10.41
N LYS A 12 -0.63 -0.38 -9.38
CA LYS A 12 -2.07 -0.26 -9.29
C LYS A 12 -2.49 0.18 -7.90
N CYS A 13 -3.63 0.86 -7.80
CA CYS A 13 -4.14 1.34 -6.52
C CYS A 13 -5.37 0.55 -6.11
N VAL A 14 -5.33 -0.02 -4.91
CA VAL A 14 -6.44 -0.81 -4.39
C VAL A 14 -6.70 -0.51 -2.93
N ASN A 15 -7.93 -0.78 -2.47
CA ASN A 15 -8.31 -0.55 -1.09
C ASN A 15 -7.33 -1.21 -0.12
N ILE A 16 -7.62 -1.11 1.17
CA ILE A 16 -6.77 -1.70 2.19
C ILE A 16 -7.29 -3.04 2.67
N LYS A 17 -8.32 -3.54 1.99
CA LYS A 17 -8.92 -4.82 2.36
C LYS A 17 -9.06 -5.75 1.15
N LYS A 18 -8.12 -5.63 0.21
CA LYS A 18 -8.15 -6.49 -0.98
C LYS A 18 -6.74 -6.85 -1.45
N CYS A 19 -5.79 -5.93 -1.31
CA CYS A 19 -4.42 -6.19 -1.72
C CYS A 19 -3.74 -7.17 -0.77
N THR A 20 -3.06 -8.16 -1.36
CA THR A 20 -2.36 -9.18 -0.56
C THR A 20 -1.34 -8.53 0.38
N HIS A 21 -0.73 -7.45 -0.06
CA HIS A 21 0.26 -6.74 0.74
C HIS A 21 -0.33 -6.29 2.07
N LEU A 22 -1.59 -5.88 2.04
CA LEU A 22 -2.28 -5.42 3.25
C LEU A 22 -2.52 -6.58 4.21
N ALA A 23 -2.86 -7.74 3.65
CA ALA A 23 -3.12 -8.93 4.46
C ALA A 23 -1.85 -9.38 5.18
N GLU A 24 -0.71 -9.18 4.53
CA GLU A 24 0.58 -9.58 5.11
C GLU A 24 0.93 -8.70 6.29
N ILE A 25 0.64 -7.41 6.18
CA ILE A 25 0.92 -6.46 7.25
C ILE A 25 0.07 -6.74 8.48
N GLU A 26 -1.17 -7.18 8.25
CA GLU A 26 -2.08 -7.49 9.34
C GLU A 26 -1.62 -8.73 10.11
N GLU A 27 -0.99 -9.66 9.40
CA GLU A 27 -0.50 -10.89 10.02
C GLU A 27 0.68 -10.61 10.93
N ASP A 28 1.46 -9.58 10.58
CA ASP A 28 2.63 -9.21 11.38
C ASP A 28 2.35 -7.96 12.21
N PRO A 29 1.92 -8.15 13.47
CA PRO A 29 1.62 -7.03 14.37
C PRO A 29 2.88 -6.27 14.79
N ILE A 30 2.69 -5.01 15.18
CA ILE A 30 3.81 -4.17 15.60
C ILE A 30 4.81 -3.97 14.46
N GLY A 31 5.54 -2.87 14.51
CA GLY A 31 6.52 -2.58 13.48
C GLY A 31 6.26 -1.26 12.80
N GLU A 32 6.99 -0.22 13.21
CA GLU A 32 6.84 1.10 12.62
C GLU A 32 7.30 1.12 11.17
N ASP A 33 8.18 0.18 10.82
CA ASP A 33 8.71 0.11 9.46
C ASP A 33 7.59 -0.13 8.44
N GLU A 34 6.70 -1.06 8.76
CA GLU A 34 5.58 -1.37 7.88
C GLU A 34 4.63 -0.19 7.74
N THR A 35 4.53 0.60 8.80
CA THR A 35 3.65 1.78 8.80
C THR A 35 4.23 2.88 7.91
N THR A 36 5.55 2.92 7.81
CA THR A 36 6.21 3.93 7.00
C THR A 36 6.09 3.58 5.53
N TYR A 37 6.10 2.28 5.22
CA TYR A 37 5.98 1.81 3.85
C TYR A 37 4.59 2.06 3.29
N LEU A 38 3.58 1.85 4.12
CA LEU A 38 2.19 2.05 3.68
C LEU A 38 1.90 3.53 3.50
N LYS A 39 2.51 4.36 4.35
CA LYS A 39 2.32 5.80 4.28
C LYS A 39 2.94 6.37 3.00
N ASN A 40 4.01 5.74 2.54
CA ASN A 40 4.70 6.19 1.34
C ASN A 40 3.93 5.78 0.08
N SER A 41 3.27 4.62 0.15
CA SER A 41 2.50 4.12 -0.98
C SER A 41 1.00 4.25 -0.72
N VAL A 42 0.60 5.39 -0.17
CA VAL A 42 -0.81 5.65 0.13
C VAL A 42 -1.46 6.48 -0.97
N CYS A 43 -2.62 6.04 -1.44
CA CYS A 43 -3.35 6.76 -2.49
C CYS A 43 -4.03 8.00 -1.91
N ALA A 44 -3.22 8.93 -1.43
CA ALA A 44 -3.76 10.17 -0.85
C ALA A 44 -4.45 11.01 -1.92
N GLY A 45 -5.78 10.95 -1.92
CA GLY A 45 -6.55 11.71 -2.89
C GLY A 45 -7.93 12.06 -2.39
N PRO A 46 -8.90 12.27 -3.30
CA PRO A 46 -10.27 12.61 -2.92
C PRO A 46 -10.86 11.65 -1.90
N GLU A 47 -10.90 10.37 -2.25
CA GLU A 47 -11.43 9.35 -1.36
C GLU A 47 -10.50 9.11 -0.19
N ASP A 48 -10.88 8.19 0.70
CA ASP A 48 -10.06 7.87 1.86
C ASP A 48 -9.83 6.36 1.96
N ASN A 49 -8.80 5.97 2.72
CA ASN A 49 -8.48 4.57 2.90
C ASN A 49 -8.14 3.91 1.58
N SER A 50 -6.90 4.11 1.11
CA SER A 50 -6.46 3.53 -0.15
C SER A 50 -4.96 3.28 -0.13
N VAL A 51 -4.54 2.21 -0.81
CA VAL A 51 -3.12 1.85 -0.87
C VAL A 51 -2.69 1.61 -2.32
N CYS A 52 -1.39 1.66 -2.56
CA CYS A 52 -0.85 1.45 -3.90
C CYS A 52 -0.06 0.15 -3.97
N CYS A 53 -0.47 -0.72 -4.88
CA CYS A 53 0.20 -2.01 -5.06
C CYS A 53 0.77 -2.13 -6.48
N GLY A 54 2.09 -2.28 -6.56
CA GLY A 54 2.74 -2.40 -7.85
C GLY A 54 3.57 -3.65 -7.98
N LEU A 1 -7.58 1.35 -10.10
CA LEU A 1 -6.84 2.42 -10.75
C LEU A 1 -5.35 2.09 -10.82
N SER A 2 -4.69 2.62 -11.84
CA SER A 2 -3.25 2.38 -12.03
C SER A 2 -2.43 3.36 -11.19
N CYS A 3 -1.47 2.82 -10.45
CA CYS A 3 -0.61 3.64 -9.60
C CYS A 3 0.86 3.39 -9.91
N LEU A 4 1.68 4.40 -9.69
CA LEU A 4 3.12 4.29 -9.93
C LEU A 4 3.88 4.08 -8.62
N THR A 5 4.64 3.00 -8.57
CA THR A 5 5.42 2.67 -7.38
C THR A 5 6.43 3.77 -7.07
N PRO A 6 6.97 3.81 -5.85
CA PRO A 6 7.95 4.84 -5.45
C PRO A 6 9.07 4.98 -6.46
N ASP A 7 9.33 3.91 -7.21
CA ASP A 7 10.39 3.92 -8.22
C ASP A 7 9.82 4.17 -9.63
N ASN A 8 8.54 4.52 -9.69
CA ASN A 8 7.87 4.81 -10.96
C ASN A 8 7.67 3.52 -11.76
N LYS A 9 7.17 2.49 -11.11
CA LYS A 9 6.92 1.21 -11.75
C LYS A 9 5.41 0.98 -11.89
N PRO A 10 4.93 0.66 -13.11
CA PRO A 10 3.51 0.42 -13.35
C PRO A 10 2.89 -0.53 -12.33
N GLY A 11 1.80 -0.09 -11.72
CA GLY A 11 1.13 -0.91 -10.73
C GLY A 11 -0.35 -0.61 -10.64
N LYS A 12 -0.98 -1.03 -9.54
CA LYS A 12 -2.40 -0.81 -9.34
C LYS A 12 -2.68 -0.30 -7.93
N CYS A 13 -3.77 0.47 -7.79
CA CYS A 13 -4.14 1.03 -6.50
C CYS A 13 -5.44 0.41 -6.01
N VAL A 14 -5.42 -0.13 -4.79
CA VAL A 14 -6.60 -0.75 -4.20
C VAL A 14 -6.68 -0.46 -2.70
N ASN A 15 -7.88 -0.54 -2.15
CA ASN A 15 -8.09 -0.29 -0.73
C ASN A 15 -7.23 -1.24 0.11
N ILE A 16 -7.42 -1.18 1.42
CA ILE A 16 -6.68 -2.03 2.35
C ILE A 16 -7.42 -3.34 2.61
N LYS A 17 -7.85 -3.99 1.55
CA LYS A 17 -8.58 -5.25 1.66
C LYS A 17 -8.66 -5.95 0.31
N LYS A 18 -7.63 -5.78 -0.50
CA LYS A 18 -7.59 -6.39 -1.83
C LYS A 18 -6.19 -6.92 -2.14
N CYS A 19 -5.18 -6.07 -1.89
CA CYS A 19 -3.79 -6.46 -2.14
C CYS A 19 -3.41 -7.67 -1.32
N THR A 20 -2.93 -8.71 -1.99
CA THR A 20 -2.52 -9.94 -1.32
C THR A 20 -1.42 -9.66 -0.31
N HIS A 21 -0.57 -8.68 -0.60
CA HIS A 21 0.52 -8.32 0.29
C HIS A 21 -0.01 -7.72 1.59
N LEU A 22 -1.00 -6.84 1.46
CA LEU A 22 -1.60 -6.20 2.62
C LEU A 22 -2.24 -7.22 3.55
N ALA A 23 -2.86 -8.23 2.95
CA ALA A 23 -3.52 -9.29 3.71
C ALA A 23 -2.50 -10.10 4.51
N GLU A 24 -1.30 -10.25 3.95
CA GLU A 24 -0.24 -11.00 4.60
C GLU A 24 0.25 -10.28 5.86
N ILE A 25 0.41 -8.97 5.75
CA ILE A 25 0.87 -8.16 6.86
C ILE A 25 -0.16 -8.13 7.98
N GLU A 26 -1.44 -8.14 7.59
CA GLU A 26 -2.53 -8.11 8.56
C GLU A 26 -2.57 -9.40 9.37
N GLU A 27 -2.20 -10.50 8.73
CA GLU A 27 -2.19 -11.81 9.39
C GLU A 27 -0.92 -11.99 10.21
N ASP A 28 0.18 -11.40 9.73
CA ASP A 28 1.47 -11.50 10.41
C ASP A 28 1.68 -10.30 11.33
N PRO A 29 2.73 -10.34 12.18
CA PRO A 29 3.05 -9.25 13.10
C PRO A 29 3.09 -7.90 12.41
N ILE A 30 2.91 -6.83 13.18
CA ILE A 30 2.93 -5.48 12.64
C ILE A 30 4.13 -4.70 13.16
N GLY A 31 4.54 -3.69 12.39
CA GLY A 31 5.68 -2.88 12.79
C GLY A 31 5.64 -1.50 12.18
N GLU A 32 6.40 -0.57 12.76
CA GLU A 32 6.45 0.80 12.27
C GLU A 32 6.95 0.83 10.82
N ASP A 33 7.81 -0.12 10.47
CA ASP A 33 8.36 -0.19 9.12
C ASP A 33 7.26 -0.45 8.09
N GLU A 34 6.25 -1.22 8.50
CA GLU A 34 5.14 -1.55 7.62
C GLU A 34 4.23 -0.35 7.42
N THR A 35 4.10 0.47 8.45
CA THR A 35 3.27 1.67 8.39
C THR A 35 3.89 2.71 7.48
N THR A 36 5.22 2.75 7.45
CA THR A 36 5.95 3.71 6.63
C THR A 36 5.84 3.34 5.15
N TYR A 37 5.81 2.05 4.87
CA TYR A 37 5.70 1.57 3.49
C TYR A 37 4.34 1.90 2.90
N LEU A 38 3.31 1.86 3.75
CA LEU A 38 1.95 2.15 3.30
C LEU A 38 1.79 3.65 3.01
N LYS A 39 2.47 4.47 3.78
CA LYS A 39 2.41 5.92 3.61
C LYS A 39 3.08 6.34 2.31
N ASN A 40 4.10 5.60 1.91
CA ASN A 40 4.82 5.90 0.66
C ASN A 40 4.04 5.41 -0.55
N SER A 41 3.24 4.37 -0.35
CA SER A 41 2.43 3.81 -1.44
C SER A 41 0.97 4.25 -1.31
N VAL A 42 0.77 5.52 -0.96
CA VAL A 42 -0.57 6.06 -0.81
C VAL A 42 -1.03 6.76 -2.09
N CYS A 43 -2.28 6.52 -2.48
CA CYS A 43 -2.83 7.13 -3.68
C CYS A 43 -3.59 8.41 -3.34
N ALA A 44 -3.23 9.04 -2.23
CA ALA A 44 -3.88 10.27 -1.80
C ALA A 44 -5.39 10.09 -1.67
N GLY A 45 -5.79 8.88 -1.28
CA GLY A 45 -7.21 8.59 -1.12
C GLY A 45 -7.88 9.52 -0.13
N PRO A 46 -9.11 9.97 -0.42
CA PRO A 46 -9.86 10.88 0.47
C PRO A 46 -10.44 10.15 1.68
N GLU A 47 -10.86 8.91 1.48
CA GLU A 47 -11.43 8.11 2.56
C GLU A 47 -11.32 6.62 2.25
N ASP A 48 -11.73 5.80 3.21
CA ASP A 48 -11.69 4.34 3.06
C ASP A 48 -10.25 3.82 3.05
N ASN A 49 -9.29 4.69 3.37
CA ASN A 49 -7.89 4.31 3.40
C ASN A 49 -7.49 3.51 2.16
N SER A 50 -6.93 4.20 1.18
CA SER A 50 -6.50 3.55 -0.06
C SER A 50 -5.02 3.19 0.01
N VAL A 51 -4.60 2.29 -0.87
CA VAL A 51 -3.21 1.87 -0.92
C VAL A 51 -2.75 1.60 -2.35
N CYS A 52 -1.44 1.66 -2.56
CA CYS A 52 -0.87 1.44 -3.88
C CYS A 52 -0.07 0.15 -3.91
N CYS A 53 -0.34 -0.69 -4.91
CA CYS A 53 0.36 -1.96 -5.04
C CYS A 53 0.87 -2.16 -6.47
N GLY A 54 2.18 -2.28 -6.61
CA GLY A 54 2.77 -2.46 -7.92
C GLY A 54 3.47 -3.79 -8.06
N LEU A 1 -7.48 1.63 -10.17
CA LEU A 1 -6.76 2.70 -10.85
C LEU A 1 -5.26 2.41 -10.88
N SER A 2 -4.58 2.94 -11.88
CA SER A 2 -3.15 2.74 -12.01
C SER A 2 -2.37 3.74 -11.17
N CYS A 3 -1.50 3.24 -10.31
CA CYS A 3 -0.69 4.10 -9.44
C CYS A 3 0.80 3.81 -9.62
N LEU A 4 1.62 4.82 -9.46
CA LEU A 4 3.07 4.68 -9.60
C LEU A 4 3.73 4.42 -8.25
N THR A 5 4.45 3.30 -8.16
CA THR A 5 5.13 2.93 -6.93
C THR A 5 6.26 3.90 -6.62
N PRO A 6 6.81 3.86 -5.39
CA PRO A 6 7.91 4.74 -4.99
C PRO A 6 9.06 4.72 -5.99
N ASP A 7 9.18 3.61 -6.71
CA ASP A 7 10.24 3.46 -7.71
C ASP A 7 9.72 3.81 -9.12
N ASN A 8 8.52 4.39 -9.18
CA ASN A 8 7.92 4.77 -10.45
C ASN A 8 7.60 3.54 -11.29
N LYS A 9 7.12 2.49 -10.65
CA LYS A 9 6.77 1.26 -11.34
C LYS A 9 5.26 1.19 -11.57
N PRO A 10 4.83 0.86 -12.80
CA PRO A 10 3.41 0.78 -13.14
C PRO A 10 2.67 -0.24 -12.27
N GLY A 11 1.66 0.22 -11.55
CA GLY A 11 0.89 -0.67 -10.70
C GLY A 11 -0.56 -0.26 -10.60
N LYS A 12 -1.26 -0.76 -9.59
CA LYS A 12 -2.66 -0.45 -9.38
C LYS A 12 -2.92 -0.05 -7.93
N CYS A 13 -3.86 0.86 -7.73
CA CYS A 13 -4.21 1.32 -6.39
C CYS A 13 -5.59 0.83 -5.98
N VAL A 14 -5.66 0.16 -4.84
CA VAL A 14 -6.91 -0.37 -4.34
C VAL A 14 -7.04 -0.16 -2.83
N ASN A 15 -8.27 -0.13 -2.33
CA ASN A 15 -8.51 0.06 -0.91
C ASN A 15 -7.79 -0.99 -0.08
N ILE A 16 -7.77 -0.80 1.23
CA ILE A 16 -7.11 -1.74 2.13
C ILE A 16 -8.02 -2.92 2.44
N LYS A 17 -8.46 -3.61 1.39
CA LYS A 17 -9.34 -4.76 1.54
C LYS A 17 -9.59 -5.43 0.19
N LYS A 18 -8.56 -5.44 -0.66
CA LYS A 18 -8.66 -6.04 -1.99
C LYS A 18 -7.33 -6.64 -2.41
N CYS A 19 -6.26 -5.87 -2.24
CA CYS A 19 -4.92 -6.33 -2.61
C CYS A 19 -4.42 -7.39 -1.65
N THR A 20 -4.08 -8.55 -2.18
CA THR A 20 -3.58 -9.66 -1.37
C THR A 20 -2.32 -9.25 -0.61
N HIS A 21 -1.55 -8.34 -1.19
CA HIS A 21 -0.32 -7.88 -0.57
C HIS A 21 -0.59 -7.28 0.81
N LEU A 22 -1.70 -6.56 0.91
CA LEU A 22 -2.08 -5.93 2.18
C LEU A 22 -2.46 -6.98 3.21
N ALA A 23 -3.15 -8.03 2.76
CA ALA A 23 -3.57 -9.11 3.63
C ALA A 23 -2.38 -9.86 4.20
N GLU A 24 -1.31 -9.96 3.40
CA GLU A 24 -0.10 -10.66 3.81
C GLU A 24 0.64 -9.86 4.88
N ILE A 25 0.64 -8.54 4.72
CA ILE A 25 1.31 -7.66 5.68
C ILE A 25 0.56 -7.63 7.01
N GLU A 26 -0.76 -7.71 6.93
CA GLU A 26 -1.59 -7.68 8.13
C GLU A 26 -1.44 -8.96 8.93
N GLU A 27 -1.20 -10.07 8.24
CA GLU A 27 -1.03 -11.36 8.89
C GLU A 27 0.25 -11.37 9.73
N ASP A 28 1.25 -10.62 9.27
CA ASP A 28 2.53 -10.55 9.99
C ASP A 28 2.74 -9.15 10.58
N PRO A 29 2.43 -8.98 11.88
CA PRO A 29 2.58 -7.71 12.57
C PRO A 29 3.99 -7.47 13.08
N ILE A 30 4.98 -8.01 12.37
CA ILE A 30 6.38 -7.86 12.77
C ILE A 30 7.22 -7.35 11.60
N GLY A 31 8.08 -6.37 11.88
CA GLY A 31 8.93 -5.81 10.85
C GLY A 31 8.53 -4.40 10.46
N GLU A 32 9.41 -3.44 10.77
CA GLU A 32 9.15 -2.04 10.45
C GLU A 32 8.85 -1.85 8.97
N ASP A 33 9.32 -2.78 8.15
CA ASP A 33 9.10 -2.71 6.71
C ASP A 33 7.61 -2.61 6.38
N GLU A 34 6.77 -3.16 7.26
CA GLU A 34 5.33 -3.12 7.05
C GLU A 34 4.80 -1.69 7.13
N THR A 35 5.28 -0.94 8.10
CA THR A 35 4.86 0.44 8.28
C THR A 35 5.47 1.33 7.19
N THR A 36 6.65 0.95 6.73
CA THR A 36 7.34 1.70 5.69
C THR A 36 6.68 1.47 4.32
N TYR A 37 6.18 0.26 4.13
CA TYR A 37 5.53 -0.10 2.87
C TYR A 37 4.18 0.60 2.74
N LEU A 38 3.47 0.72 3.86
CA LEU A 38 2.17 1.37 3.88
C LEU A 38 2.31 2.88 3.70
N LYS A 39 3.33 3.45 4.34
CA LYS A 39 3.56 4.88 4.25
C LYS A 39 4.10 5.27 2.87
N ASN A 40 4.81 4.33 2.23
CA ASN A 40 5.38 4.57 0.92
C ASN A 40 4.37 4.23 -0.18
N SER A 41 3.49 3.28 0.11
CA SER A 41 2.48 2.86 -0.87
C SER A 41 1.08 3.29 -0.43
N VAL A 42 0.97 4.53 0.03
CA VAL A 42 -0.31 5.06 0.47
C VAL A 42 -0.97 5.89 -0.62
N CYS A 43 -2.27 5.67 -0.83
CA CYS A 43 -3.02 6.41 -1.84
C CYS A 43 -3.79 7.57 -1.23
N ALA A 44 -3.29 8.08 -0.10
CA ALA A 44 -3.94 9.20 0.58
C ALA A 44 -5.39 8.86 0.92
N GLY A 45 -5.59 8.06 1.96
CA GLY A 45 -6.93 7.69 2.36
C GLY A 45 -7.16 7.89 3.85
N PRO A 46 -7.38 9.14 4.29
CA PRO A 46 -7.62 9.45 5.70
C PRO A 46 -8.85 8.74 6.25
N GLU A 47 -9.96 8.85 5.52
CA GLU A 47 -11.22 8.22 5.93
C GLU A 47 -11.58 7.07 4.99
N ASP A 48 -11.15 7.17 3.75
CA ASP A 48 -11.44 6.14 2.76
C ASP A 48 -10.42 5.01 2.83
N ASN A 49 -9.19 5.35 3.22
CA ASN A 49 -8.13 4.37 3.33
C ASN A 49 -7.82 3.71 1.99
N SER A 50 -6.76 4.17 1.34
CA SER A 50 -6.37 3.63 0.05
C SER A 50 -4.91 3.20 0.06
N VAL A 51 -4.56 2.29 -0.85
CA VAL A 51 -3.20 1.79 -0.95
C VAL A 51 -2.79 1.58 -2.41
N CYS A 52 -1.49 1.63 -2.67
CA CYS A 52 -0.97 1.45 -4.02
C CYS A 52 -0.20 0.14 -4.12
N CYS A 53 -0.60 -0.70 -5.06
CA CYS A 53 0.05 -1.99 -5.27
C CYS A 53 0.82 -2.01 -6.59
N GLY A 54 2.07 -2.46 -6.53
CA GLY A 54 2.89 -2.52 -7.73
C GLY A 54 3.97 -3.58 -7.65
N LEU A 1 -7.47 1.58 -10.17
CA LEU A 1 -6.79 2.80 -10.57
C LEU A 1 -5.28 2.58 -10.68
N SER A 2 -4.63 3.37 -11.54
CA SER A 2 -3.19 3.25 -11.73
C SER A 2 -2.44 4.18 -10.78
N CYS A 3 -1.52 3.62 -10.00
CA CYS A 3 -0.74 4.41 -9.04
C CYS A 3 0.75 4.20 -9.26
N LEU A 4 1.54 5.23 -8.94
CA LEU A 4 2.98 5.16 -9.08
C LEU A 4 3.65 4.80 -7.75
N THR A 5 4.42 3.73 -7.75
CA THR A 5 5.10 3.27 -6.54
C THR A 5 6.14 4.30 -6.09
N PRO A 6 6.65 4.17 -4.85
CA PRO A 6 7.66 5.10 -4.33
C PRO A 6 8.84 5.27 -5.28
N ASP A 7 9.06 4.25 -6.13
CA ASP A 7 10.14 4.29 -7.10
C ASP A 7 9.64 4.75 -8.47
N ASN A 8 8.40 5.24 -8.51
CA ASN A 8 7.80 5.70 -9.75
C ASN A 8 7.60 4.56 -10.74
N LYS A 9 7.18 3.41 -10.23
CA LYS A 9 6.95 2.24 -11.05
C LYS A 9 5.45 2.05 -11.28
N PRO A 10 5.04 1.75 -12.53
CA PRO A 10 3.63 1.55 -12.87
C PRO A 10 2.98 0.44 -12.05
N GLY A 11 1.93 0.80 -11.31
CA GLY A 11 1.23 -0.17 -10.49
C GLY A 11 -0.26 0.08 -10.47
N LYS A 12 -0.93 -0.45 -9.45
CA LYS A 12 -2.37 -0.28 -9.33
C LYS A 12 -2.75 0.10 -7.89
N CYS A 13 -3.87 0.81 -7.75
CA CYS A 13 -4.33 1.25 -6.45
C CYS A 13 -5.60 0.51 -6.05
N VAL A 14 -5.56 -0.11 -4.87
CA VAL A 14 -6.70 -0.87 -4.37
C VAL A 14 -6.89 -0.65 -2.87
N ASN A 15 -8.11 -0.87 -2.40
CA ASN A 15 -8.43 -0.69 -0.99
C ASN A 15 -7.49 -1.50 -0.10
N ILE A 16 -7.71 -1.43 1.21
CA ILE A 16 -6.89 -2.16 2.17
C ILE A 16 -7.41 -3.58 2.39
N LYS A 17 -8.41 -3.96 1.61
CA LYS A 17 -9.00 -5.29 1.72
C LYS A 17 -8.99 -6.01 0.38
N LYS A 18 -8.07 -5.59 -0.50
CA LYS A 18 -7.95 -6.21 -1.82
C LYS A 18 -6.52 -6.65 -2.09
N CYS A 19 -5.57 -5.83 -1.66
CA CYS A 19 -4.15 -6.14 -1.85
C CYS A 19 -3.73 -7.31 -0.97
N THR A 20 -3.00 -8.26 -1.55
CA THR A 20 -2.53 -9.43 -0.81
C THR A 20 -1.54 -9.03 0.27
N HIS A 21 -0.77 -7.99 0.00
CA HIS A 21 0.23 -7.51 0.96
C HIS A 21 -0.42 -7.13 2.29
N LEU A 22 -1.64 -6.61 2.21
CA LEU A 22 -2.37 -6.21 3.40
C LEU A 22 -2.78 -7.42 4.23
N ALA A 23 -3.20 -8.48 3.54
CA ALA A 23 -3.61 -9.71 4.21
C ALA A 23 -2.43 -10.37 4.93
N GLU A 24 -1.24 -10.23 4.35
CA GLU A 24 -0.04 -10.82 4.94
C GLU A 24 0.31 -10.12 6.25
N ILE A 25 0.13 -8.81 6.29
CA ILE A 25 0.42 -8.03 7.48
C ILE A 25 -0.56 -8.36 8.61
N GLU A 26 -1.81 -8.58 8.24
CA GLU A 26 -2.85 -8.91 9.21
C GLU A 26 -2.63 -10.30 9.80
N GLU A 27 -2.07 -11.19 9.00
CA GLU A 27 -1.82 -12.56 9.44
C GLU A 27 -0.51 -12.64 10.24
N ASP A 28 0.49 -11.91 9.78
CA ASP A 28 1.79 -11.89 10.45
C ASP A 28 2.76 -10.94 9.75
N PRO A 29 2.93 -9.72 10.29
CA PRO A 29 3.84 -8.74 9.70
C PRO A 29 5.29 -8.98 10.07
N ILE A 30 6.08 -9.41 9.09
CA ILE A 30 7.50 -9.68 9.32
C ILE A 30 8.37 -8.53 8.80
N GLY A 31 9.37 -8.17 9.59
CA GLY A 31 10.26 -7.08 9.21
C GLY A 31 9.55 -5.74 9.16
N GLU A 32 9.95 -4.84 10.05
CA GLU A 32 9.34 -3.51 10.11
C GLU A 32 9.53 -2.77 8.79
N ASP A 33 10.61 -3.09 8.08
CA ASP A 33 10.91 -2.46 6.80
C ASP A 33 9.77 -2.68 5.80
N GLU A 34 9.09 -3.82 5.94
CA GLU A 34 7.98 -4.15 5.05
C GLU A 34 6.76 -3.30 5.37
N THR A 35 6.56 -3.00 6.64
CA THR A 35 5.43 -2.18 7.08
C THR A 35 5.62 -0.74 6.65
N THR A 36 6.86 -0.29 6.60
CA THR A 36 7.17 1.08 6.21
C THR A 36 6.96 1.25 4.71
N TYR A 37 7.23 0.21 3.95
CA TYR A 37 7.07 0.25 2.50
C TYR A 37 5.59 0.39 2.13
N LEU A 38 4.73 -0.28 2.89
CA LEU A 38 3.30 -0.23 2.65
C LEU A 38 2.77 1.19 2.85
N LYS A 39 3.19 1.80 3.94
CA LYS A 39 2.77 3.17 4.25
C LYS A 39 3.32 4.15 3.23
N ASN A 40 4.49 3.84 2.68
CA ASN A 40 5.12 4.70 1.69
C ASN A 40 4.35 4.67 0.37
N SER A 41 3.64 3.56 0.13
CA SER A 41 2.86 3.41 -1.09
C SER A 41 1.41 3.77 -0.85
N VAL A 42 1.18 4.77 -0.01
CA VAL A 42 -0.18 5.21 0.32
C VAL A 42 -0.80 5.93 -0.87
N CYS A 43 -1.99 5.49 -1.26
CA CYS A 43 -2.70 6.09 -2.38
C CYS A 43 -3.21 7.48 -2.02
N ALA A 44 -2.29 8.39 -1.76
CA ALA A 44 -2.64 9.76 -1.41
C ALA A 44 -3.44 10.43 -2.52
N GLY A 45 -3.73 11.72 -2.35
CA GLY A 45 -4.48 12.45 -3.35
C GLY A 45 -5.97 12.13 -3.31
N PRO A 46 -6.61 11.92 -4.47
CA PRO A 46 -8.04 11.61 -4.54
C PRO A 46 -8.43 10.45 -3.61
N GLU A 47 -9.52 10.63 -2.88
CA GLU A 47 -9.99 9.61 -1.95
C GLU A 47 -8.96 9.31 -0.88
N ASP A 48 -9.34 8.55 0.13
CA ASP A 48 -8.44 8.20 1.22
C ASP A 48 -8.64 6.75 1.65
N ASN A 49 -7.86 6.32 2.64
CA ASN A 49 -7.95 4.95 3.13
C ASN A 49 -7.65 3.94 2.03
N SER A 50 -6.81 4.34 1.08
CA SER A 50 -6.45 3.48 -0.03
C SER A 50 -4.94 3.20 -0.04
N VAL A 51 -4.54 2.18 -0.79
CA VAL A 51 -3.13 1.81 -0.89
C VAL A 51 -2.72 1.58 -2.33
N CYS A 52 -1.42 1.63 -2.59
CA CYS A 52 -0.91 1.42 -3.95
C CYS A 52 -0.12 0.13 -4.03
N CYS A 53 -0.52 -0.75 -4.95
CA CYS A 53 0.14 -2.03 -5.13
C CYS A 53 0.77 -2.12 -6.52
N GLY A 54 2.09 -2.28 -6.54
CA GLY A 54 2.80 -2.38 -7.81
C GLY A 54 3.71 -3.60 -7.87
N LEU A 1 -7.81 0.70 -10.07
CA LEU A 1 -7.21 1.91 -10.61
C LEU A 1 -5.69 1.78 -10.69
N SER A 2 -5.08 2.51 -11.62
CA SER A 2 -3.63 2.47 -11.77
C SER A 2 -2.97 3.66 -11.08
N CYS A 3 -1.97 3.37 -10.26
CA CYS A 3 -1.27 4.43 -9.52
C CYS A 3 0.25 4.24 -9.60
N LEU A 4 0.98 5.28 -9.21
CA LEU A 4 2.44 5.24 -9.24
C LEU A 4 2.99 4.89 -7.86
N THR A 5 3.78 3.83 -7.79
CA THR A 5 4.38 3.39 -6.54
C THR A 5 5.40 4.42 -6.04
N PRO A 6 5.84 4.31 -4.77
CA PRO A 6 6.81 5.24 -4.20
C PRO A 6 8.04 5.41 -5.09
N ASP A 7 8.32 4.39 -5.90
CA ASP A 7 9.46 4.43 -6.81
C ASP A 7 9.05 4.94 -8.20
N ASN A 8 7.80 5.40 -8.31
CA ASN A 8 7.29 5.91 -9.59
C ASN A 8 7.21 4.80 -10.63
N LYS A 9 6.79 3.62 -10.19
CA LYS A 9 6.66 2.49 -11.10
C LYS A 9 5.19 2.16 -11.33
N PRO A 10 4.79 1.91 -12.59
CA PRO A 10 3.40 1.59 -12.92
C PRO A 10 2.85 0.45 -12.08
N GLY A 11 1.75 0.72 -11.38
CA GLY A 11 1.12 -0.28 -10.54
C GLY A 11 -0.38 -0.12 -10.47
N LYS A 12 -0.98 -0.63 -9.40
CA LYS A 12 -2.42 -0.53 -9.22
C LYS A 12 -2.76 -0.08 -7.80
N CYS A 13 -3.88 0.63 -7.67
CA CYS A 13 -4.32 1.11 -6.37
C CYS A 13 -5.57 0.37 -5.92
N VAL A 14 -5.52 -0.20 -4.72
CA VAL A 14 -6.64 -0.95 -4.17
C VAL A 14 -6.77 -0.69 -2.67
N ASN A 15 -7.97 -0.91 -2.15
CA ASN A 15 -8.24 -0.70 -0.73
C ASN A 15 -7.25 -1.46 0.14
N ILE A 16 -7.42 -1.35 1.45
CA ILE A 16 -6.53 -2.04 2.40
C ILE A 16 -7.00 -3.45 2.69
N LYS A 17 -8.04 -3.89 1.99
CA LYS A 17 -8.59 -5.23 2.17
C LYS A 17 -8.70 -5.96 0.83
N LYS A 18 -7.90 -5.53 -0.14
CA LYS A 18 -7.91 -6.15 -1.46
C LYS A 18 -6.52 -6.67 -1.81
N CYS A 19 -5.49 -5.93 -1.43
CA CYS A 19 -4.12 -6.31 -1.72
C CYS A 19 -3.67 -7.43 -0.78
N THR A 20 -3.45 -8.62 -1.34
CA THR A 20 -3.01 -9.77 -0.55
C THR A 20 -1.73 -9.46 0.21
N HIS A 21 -0.82 -8.75 -0.43
CA HIS A 21 0.45 -8.39 0.19
C HIS A 21 0.22 -7.52 1.43
N LEU A 22 -0.77 -6.66 1.35
CA LEU A 22 -1.10 -5.77 2.46
C LEU A 22 -1.61 -6.56 3.66
N ALA A 23 -2.41 -7.59 3.38
CA ALA A 23 -2.96 -8.43 4.44
C ALA A 23 -1.85 -9.19 5.16
N GLU A 24 -0.81 -9.56 4.42
CA GLU A 24 0.31 -10.29 5.00
C GLU A 24 1.07 -9.43 6.00
N ILE A 25 1.30 -8.18 5.64
CA ILE A 25 2.01 -7.24 6.50
C ILE A 25 1.22 -6.96 7.77
N GLU A 26 -0.10 -6.89 7.63
CA GLU A 26 -0.97 -6.61 8.76
C GLU A 26 -1.01 -7.80 9.72
N GLU A 27 -0.85 -9.00 9.17
CA GLU A 27 -0.87 -10.22 9.98
C GLU A 27 0.52 -10.51 10.55
N ASP A 28 1.55 -10.16 9.81
CA ASP A 28 2.92 -10.39 10.24
C ASP A 28 3.72 -9.09 10.26
N PRO A 29 3.45 -8.21 11.23
CA PRO A 29 4.14 -6.93 11.36
C PRO A 29 5.54 -7.09 11.97
N ILE A 30 6.57 -6.91 11.14
CA ILE A 30 7.94 -7.03 11.59
C ILE A 30 8.76 -5.79 11.25
N GLY A 31 9.28 -5.11 12.27
CA GLY A 31 10.06 -3.92 12.04
C GLY A 31 9.21 -2.72 11.66
N GLU A 32 9.37 -1.62 12.39
CA GLU A 32 8.61 -0.41 12.13
C GLU A 32 8.81 0.06 10.68
N ASP A 33 9.92 -0.33 10.08
CA ASP A 33 10.23 0.05 8.71
C ASP A 33 9.13 -0.40 7.75
N GLU A 34 8.48 -1.50 8.09
CA GLU A 34 7.40 -2.03 7.25
C GLU A 34 6.15 -1.17 7.38
N THR A 35 5.94 -0.58 8.55
CA THR A 35 4.77 0.26 8.79
C THR A 35 4.91 1.58 8.06
N THR A 36 6.13 2.11 8.01
CA THR A 36 6.39 3.37 7.33
C THR A 36 6.26 3.20 5.81
N TYR A 37 6.63 2.04 5.32
CA TYR A 37 6.56 1.75 3.89
C TYR A 37 5.11 1.69 3.42
N LEU A 38 4.23 1.20 4.29
CA LEU A 38 2.82 1.09 3.97
C LEU A 38 2.17 2.47 3.90
N LYS A 39 2.58 3.35 4.81
CA LYS A 39 2.05 4.70 4.87
C LYS A 39 2.54 5.52 3.68
N ASN A 40 3.76 5.22 3.22
CA ASN A 40 4.35 5.93 2.09
C ASN A 40 3.63 5.58 0.79
N SER A 41 3.08 4.37 0.73
CA SER A 41 2.36 3.91 -0.45
C SER A 41 0.86 4.11 -0.29
N VAL A 42 0.48 5.21 0.34
CA VAL A 42 -0.93 5.52 0.57
C VAL A 42 -1.51 6.28 -0.62
N CYS A 43 -2.64 5.79 -1.13
CA CYS A 43 -3.30 6.42 -2.25
C CYS A 43 -3.98 7.72 -1.83
N ALA A 44 -3.16 8.69 -1.42
CA ALA A 44 -3.68 9.99 -0.98
C ALA A 44 -4.13 10.82 -2.17
N GLY A 45 -5.43 10.84 -2.43
CA GLY A 45 -5.96 11.61 -3.55
C GLY A 45 -7.41 11.27 -3.84
N PRO A 46 -7.67 10.11 -4.48
CA PRO A 46 -9.03 9.69 -4.82
C PRO A 46 -9.85 9.30 -3.58
N GLU A 47 -9.15 8.85 -2.55
CA GLU A 47 -9.80 8.44 -1.31
C GLU A 47 -8.81 8.37 -0.16
N ASP A 48 -9.31 8.26 1.06
CA ASP A 48 -8.46 8.19 2.24
C ASP A 48 -7.94 6.78 2.45
N ASN A 49 -8.85 5.85 2.72
CA ASN A 49 -8.48 4.45 2.95
C ASN A 49 -8.12 3.77 1.62
N SER A 50 -6.94 4.09 1.09
CA SER A 50 -6.48 3.51 -0.16
C SER A 50 -4.98 3.27 -0.12
N VAL A 51 -4.54 2.22 -0.82
CA VAL A 51 -3.12 1.88 -0.87
C VAL A 51 -2.68 1.63 -2.31
N CYS A 52 -1.37 1.67 -2.54
CA CYS A 52 -0.82 1.46 -3.87
C CYS A 52 -0.04 0.15 -3.93
N CYS A 53 -0.43 -0.72 -4.86
CA CYS A 53 0.23 -2.00 -5.04
C CYS A 53 0.77 -2.14 -6.46
N GLY A 54 2.08 -2.29 -6.59
CA GLY A 54 2.69 -2.43 -7.90
C GLY A 54 3.57 -3.66 -8.01
N LEU A 1 -7.53 2.14 -9.75
CA LEU A 1 -6.80 3.21 -10.43
C LEU A 1 -5.31 2.92 -10.45
N SER A 2 -4.61 3.45 -11.45
CA SER A 2 -3.18 3.24 -11.57
C SER A 2 -2.41 4.20 -10.66
N CYS A 3 -1.52 3.64 -9.85
CA CYS A 3 -0.72 4.43 -8.91
C CYS A 3 0.77 4.20 -9.12
N LEU A 4 1.58 5.17 -8.72
CA LEU A 4 3.02 5.07 -8.86
C LEU A 4 3.68 4.80 -7.50
N THR A 5 4.49 3.75 -7.45
CA THR A 5 5.18 3.38 -6.21
C THR A 5 6.12 4.50 -5.79
N PRO A 6 6.67 4.43 -4.55
CA PRO A 6 7.59 5.44 -4.05
C PRO A 6 8.75 5.71 -5.01
N ASP A 7 9.05 4.72 -5.84
CA ASP A 7 10.13 4.85 -6.82
C ASP A 7 9.58 5.22 -8.19
N ASN A 8 8.30 5.56 -8.25
CA ASN A 8 7.65 5.94 -9.51
C ASN A 8 7.50 4.72 -10.43
N LYS A 9 7.21 3.57 -9.83
CA LYS A 9 7.04 2.34 -10.60
C LYS A 9 5.55 2.12 -10.91
N PRO A 10 5.21 1.97 -12.20
CA PRO A 10 3.82 1.76 -12.61
C PRO A 10 3.17 0.60 -11.86
N GLY A 11 2.02 0.88 -11.24
CA GLY A 11 1.31 -0.14 -10.50
C GLY A 11 -0.18 0.09 -10.46
N LYS A 12 -0.83 -0.47 -9.46
CA LYS A 12 -2.28 -0.32 -9.30
C LYS A 12 -2.64 0.08 -7.87
N CYS A 13 -3.76 0.78 -7.72
CA CYS A 13 -4.21 1.22 -6.41
C CYS A 13 -5.47 0.46 -5.99
N VAL A 14 -5.43 -0.08 -4.77
CA VAL A 14 -6.56 -0.83 -4.24
C VAL A 14 -6.75 -0.55 -2.75
N ASN A 15 -7.96 -0.78 -2.26
CA ASN A 15 -8.28 -0.55 -0.85
C ASN A 15 -7.32 -1.34 0.05
N ILE A 16 -7.58 -1.31 1.36
CA ILE A 16 -6.74 -2.01 2.31
C ILE A 16 -7.35 -3.37 2.67
N LYS A 17 -8.12 -3.94 1.75
CA LYS A 17 -8.77 -5.23 1.98
C LYS A 17 -8.83 -6.04 0.68
N LYS A 18 -7.84 -5.81 -0.19
CA LYS A 18 -7.79 -6.52 -1.47
C LYS A 18 -6.38 -7.02 -1.76
N CYS A 19 -5.41 -6.11 -1.68
CA CYS A 19 -4.02 -6.46 -1.93
C CYS A 19 -3.55 -7.56 -0.99
N THR A 20 -3.01 -8.62 -1.56
CA THR A 20 -2.52 -9.75 -0.77
C THR A 20 -1.34 -9.34 0.11
N HIS A 21 -0.55 -8.38 -0.38
CA HIS A 21 0.61 -7.89 0.35
C HIS A 21 0.20 -7.31 1.70
N LEU A 22 -0.99 -6.70 1.74
CA LEU A 22 -1.50 -6.12 2.96
C LEU A 22 -1.87 -7.19 3.98
N ALA A 23 -2.45 -8.28 3.49
CA ALA A 23 -2.85 -9.38 4.35
C ALA A 23 -1.64 -10.05 4.99
N GLU A 24 -0.52 -10.06 4.26
CA GLU A 24 0.71 -10.68 4.76
C GLU A 24 1.32 -9.86 5.89
N ILE A 25 1.32 -8.54 5.72
CA ILE A 25 1.87 -7.65 6.74
C ILE A 25 0.98 -7.63 7.98
N GLU A 26 -0.32 -7.74 7.76
CA GLU A 26 -1.28 -7.73 8.86
C GLU A 26 -1.16 -9.01 9.69
N GLU A 27 -0.77 -10.10 9.04
CA GLU A 27 -0.62 -11.38 9.71
C GLU A 27 0.61 -11.36 10.62
N ASP A 28 1.63 -10.61 10.22
CA ASP A 28 2.86 -10.51 11.00
C ASP A 28 3.71 -9.34 10.51
N PRO A 29 3.39 -8.12 10.96
CA PRO A 29 4.13 -6.91 10.57
C PRO A 29 5.49 -6.82 11.25
N ILE A 30 6.51 -6.43 10.49
CA ILE A 30 7.86 -6.30 11.02
C ILE A 30 8.65 -5.23 10.25
N GLY A 31 9.81 -4.89 10.79
CA GLY A 31 10.64 -3.88 10.15
C GLY A 31 9.98 -2.51 10.13
N GLU A 32 10.55 -1.57 10.87
CA GLU A 32 10.02 -0.22 10.94
C GLU A 32 9.99 0.44 9.56
N ASP A 33 10.96 0.06 8.72
CA ASP A 33 11.06 0.61 7.37
C ASP A 33 9.95 0.07 6.48
N GLU A 34 9.52 -1.16 6.75
CA GLU A 34 8.46 -1.79 5.97
C GLU A 34 7.11 -1.16 6.27
N THR A 35 6.86 -0.87 7.54
CA THR A 35 5.61 -0.26 7.95
C THR A 35 5.52 1.19 7.49
N THR A 36 6.68 1.85 7.45
CA THR A 36 6.73 3.25 7.03
C THR A 36 6.54 3.36 5.51
N TYR A 37 7.06 2.38 4.79
CA TYR A 37 6.95 2.37 3.33
C TYR A 37 5.51 2.11 2.91
N LEU A 38 4.80 1.30 3.69
CA LEU A 38 3.41 0.98 3.39
C LEU A 38 2.53 2.22 3.53
N LYS A 39 2.80 3.01 4.55
CA LYS A 39 2.04 4.23 4.80
C LYS A 39 2.38 5.28 3.74
N ASN A 40 3.61 5.24 3.25
CA ASN A 40 4.07 6.19 2.23
C ASN A 40 3.43 5.89 0.88
N SER A 41 2.97 4.65 0.71
CA SER A 41 2.34 4.23 -0.54
C SER A 41 0.82 4.40 -0.46
N VAL A 42 0.37 5.39 0.29
CA VAL A 42 -1.05 5.66 0.45
C VAL A 42 -1.61 6.36 -0.78
N CYS A 43 -2.85 6.03 -1.12
CA CYS A 43 -3.50 6.62 -2.29
C CYS A 43 -4.25 7.91 -1.93
N ALA A 44 -3.93 8.46 -0.76
CA ALA A 44 -4.55 9.70 -0.29
C ALA A 44 -6.02 9.80 -0.71
N GLY A 45 -6.71 8.65 -0.70
CA GLY A 45 -8.11 8.63 -1.09
C GLY A 45 -9.04 8.44 0.09
N PRO A 46 -10.25 9.05 0.05
CA PRO A 46 -11.24 8.94 1.13
C PRO A 46 -11.71 7.49 1.34
N GLU A 47 -12.96 7.33 1.77
CA GLU A 47 -13.54 6.01 2.00
C GLU A 47 -13.08 5.44 3.34
N ASP A 48 -11.80 5.10 3.43
CA ASP A 48 -11.24 4.55 4.65
C ASP A 48 -9.71 4.56 4.61
N ASN A 49 -9.16 4.01 3.53
CA ASN A 49 -7.71 3.96 3.37
C ASN A 49 -7.33 3.26 2.07
N SER A 50 -6.88 4.05 1.09
CA SER A 50 -6.47 3.51 -0.19
C SER A 50 -4.97 3.31 -0.24
N VAL A 51 -4.54 2.16 -0.75
CA VAL A 51 -3.12 1.84 -0.84
C VAL A 51 -2.69 1.62 -2.29
N CYS A 52 -1.38 1.68 -2.53
CA CYS A 52 -0.84 1.48 -3.88
C CYS A 52 -0.05 0.18 -3.94
N CYS A 53 -0.43 -0.69 -4.87
CA CYS A 53 0.24 -1.97 -5.04
C CYS A 53 0.77 -2.13 -6.45
N GLY A 54 2.09 -2.27 -6.58
CA GLY A 54 2.70 -2.42 -7.88
C GLY A 54 3.50 -3.70 -8.00
N LEU A 1 -7.48 1.65 -10.14
CA LEU A 1 -6.75 2.77 -10.72
C LEU A 1 -5.25 2.48 -10.77
N SER A 2 -4.56 3.11 -11.72
CA SER A 2 -3.12 2.92 -11.87
C SER A 2 -2.36 3.87 -10.95
N CYS A 3 -1.45 3.31 -10.16
CA CYS A 3 -0.65 4.10 -9.24
C CYS A 3 0.85 3.87 -9.47
N LEU A 4 1.65 4.85 -9.08
CA LEU A 4 3.11 4.76 -9.25
C LEU A 4 3.77 4.39 -7.93
N THR A 5 4.52 3.29 -7.94
CA THR A 5 5.22 2.83 -6.74
C THR A 5 6.29 3.83 -6.33
N PRO A 6 6.86 3.67 -5.11
CA PRO A 6 7.91 4.58 -4.62
C PRO A 6 9.04 4.74 -5.61
N ASP A 7 9.26 3.71 -6.43
CA ASP A 7 10.31 3.74 -7.44
C ASP A 7 9.78 4.26 -8.78
N ASN A 8 8.53 4.72 -8.78
CA ASN A 8 7.91 5.25 -10.00
C ASN A 8 7.68 4.14 -11.02
N LYS A 9 7.27 2.97 -10.53
CA LYS A 9 7.00 1.83 -11.41
C LYS A 9 5.49 1.63 -11.57
N PRO A 10 5.02 1.45 -12.82
CA PRO A 10 3.59 1.25 -13.08
C PRO A 10 2.98 0.17 -12.20
N GLY A 11 1.89 0.52 -11.52
CA GLY A 11 1.22 -0.43 -10.66
C GLY A 11 -0.28 -0.19 -10.60
N LYS A 12 -0.93 -0.70 -9.55
CA LYS A 12 -2.36 -0.54 -9.39
C LYS A 12 -2.71 -0.12 -7.97
N CYS A 13 -3.82 0.60 -7.83
CA CYS A 13 -4.26 1.07 -6.52
C CYS A 13 -5.55 0.36 -6.09
N VAL A 14 -5.54 -0.17 -4.87
CA VAL A 14 -6.70 -0.88 -4.34
C VAL A 14 -6.87 -0.58 -2.85
N ASN A 15 -8.09 -0.75 -2.36
CA ASN A 15 -8.39 -0.50 -0.95
C ASN A 15 -7.46 -1.32 -0.05
N ILE A 16 -7.61 -1.13 1.26
CA ILE A 16 -6.79 -1.86 2.23
C ILE A 16 -7.46 -3.15 2.67
N LYS A 17 -7.93 -3.92 1.69
CA LYS A 17 -8.59 -5.19 1.96
C LYS A 17 -8.80 -5.97 0.66
N LYS A 18 -7.86 -5.84 -0.26
CA LYS A 18 -7.93 -6.52 -1.54
C LYS A 18 -6.55 -6.96 -2.00
N CYS A 19 -5.58 -6.07 -1.91
CA CYS A 19 -4.22 -6.36 -2.31
C CYS A 19 -3.65 -7.54 -1.52
N THR A 20 -3.31 -8.62 -2.22
CA THR A 20 -2.77 -9.81 -1.59
C THR A 20 -1.49 -9.49 -0.82
N HIS A 21 -0.73 -8.53 -1.33
CA HIS A 21 0.52 -8.12 -0.70
C HIS A 21 0.26 -7.53 0.68
N LEU A 22 -0.83 -6.78 0.80
CA LEU A 22 -1.19 -6.15 2.06
C LEU A 22 -1.60 -7.20 3.09
N ALA A 23 -2.29 -8.24 2.63
CA ALA A 23 -2.74 -9.30 3.50
C ALA A 23 -1.56 -10.07 4.10
N GLU A 24 -0.48 -10.18 3.32
CA GLU A 24 0.71 -10.87 3.76
C GLU A 24 1.44 -10.08 4.85
N ILE A 25 1.49 -8.76 4.67
CA ILE A 25 2.13 -7.89 5.64
C ILE A 25 1.37 -7.88 6.96
N GLU A 26 0.05 -7.97 6.87
CA GLU A 26 -0.79 -7.98 8.06
C GLU A 26 -0.52 -9.21 8.91
N GLU A 27 -0.25 -10.34 8.25
CA GLU A 27 0.03 -11.58 8.95
C GLU A 27 1.47 -11.61 9.45
N ASP A 28 2.37 -11.03 8.66
CA ASP A 28 3.78 -10.97 9.02
C ASP A 28 3.99 -10.17 10.31
N PRO A 29 5.17 -10.26 10.92
CA PRO A 29 5.49 -9.54 12.15
C PRO A 29 5.16 -8.06 12.05
N ILE A 30 4.27 -7.59 12.92
CA ILE A 30 3.86 -6.19 12.93
C ILE A 30 4.85 -5.34 13.71
N GLY A 31 5.08 -4.14 13.21
CA GLY A 31 5.99 -3.22 13.85
C GLY A 31 5.94 -1.83 13.27
N GLU A 32 6.80 -0.94 13.76
CA GLU A 32 6.83 0.44 13.28
C GLU A 32 7.13 0.48 11.79
N ASP A 33 7.89 -0.51 11.31
CA ASP A 33 8.25 -0.57 9.90
C ASP A 33 7.03 -0.89 9.04
N GLU A 34 6.10 -1.66 9.60
CA GLU A 34 4.89 -2.05 8.88
C GLU A 34 4.01 -0.83 8.62
N THR A 35 3.96 0.08 9.60
CA THR A 35 3.16 1.28 9.47
C THR A 35 3.79 2.26 8.48
N THR A 36 5.11 2.27 8.44
CA THR A 36 5.85 3.15 7.53
C THR A 36 5.71 2.67 6.09
N TYR A 37 5.64 1.36 5.91
CA TYR A 37 5.51 0.77 4.59
C TYR A 37 4.14 1.11 3.98
N LEU A 38 3.13 1.16 4.82
CA LEU A 38 1.77 1.47 4.38
C LEU A 38 1.65 2.95 3.99
N LYS A 39 2.34 3.80 4.74
CA LYS A 39 2.31 5.23 4.48
C LYS A 39 3.05 5.57 3.19
N ASN A 40 4.07 4.77 2.87
CA ASN A 40 4.86 4.99 1.67
C ASN A 40 4.07 4.58 0.43
N SER A 41 3.19 3.59 0.59
CA SER A 41 2.37 3.13 -0.52
C SER A 41 0.95 3.66 -0.42
N VAL A 42 0.83 4.93 -0.05
CA VAL A 42 -0.47 5.57 0.09
C VAL A 42 -0.98 6.07 -1.25
N CYS A 43 -2.28 5.95 -1.45
CA CYS A 43 -2.91 6.40 -2.70
C CYS A 43 -3.47 7.81 -2.56
N ALA A 44 -2.92 8.58 -1.63
CA ALA A 44 -3.37 9.96 -1.41
C ALA A 44 -4.86 10.01 -1.13
N GLY A 45 -5.28 9.37 -0.03
CA GLY A 45 -6.68 9.35 0.33
C GLY A 45 -6.91 8.91 1.77
N PRO A 46 -6.76 9.82 2.74
CA PRO A 46 -6.95 9.50 4.15
C PRO A 46 -8.43 9.47 4.56
N GLU A 47 -9.32 9.69 3.59
CA GLU A 47 -10.75 9.69 3.86
C GLU A 47 -11.35 8.31 3.62
N ASP A 48 -10.80 7.59 2.64
CA ASP A 48 -11.30 6.26 2.30
C ASP A 48 -10.27 5.19 2.67
N ASN A 49 -9.03 5.60 2.93
CA ASN A 49 -7.97 4.66 3.29
C ASN A 49 -7.64 3.74 2.11
N SER A 50 -6.89 4.26 1.15
CA SER A 50 -6.49 3.50 -0.02
C SER A 50 -5.02 3.13 0.04
N VAL A 51 -4.59 2.27 -0.87
CA VAL A 51 -3.20 1.84 -0.93
C VAL A 51 -2.74 1.61 -2.36
N CYS A 52 -1.43 1.67 -2.57
CA CYS A 52 -0.86 1.47 -3.90
C CYS A 52 -0.07 0.17 -3.97
N CYS A 53 -0.41 -0.68 -4.92
CA CYS A 53 0.27 -1.96 -5.08
C CYS A 53 0.82 -2.09 -6.50
N GLY A 54 2.13 -2.35 -6.60
CA GLY A 54 2.76 -2.50 -7.89
C GLY A 54 3.64 -3.74 -7.97
N LEU A 1 -7.41 0.80 -10.01
CA LEU A 1 -6.83 1.96 -10.67
C LEU A 1 -5.31 1.85 -10.72
N SER A 2 -4.70 2.49 -11.70
CA SER A 2 -3.25 2.46 -11.86
C SER A 2 -2.60 3.66 -11.18
N CYS A 3 -1.71 3.40 -10.22
CA CYS A 3 -1.03 4.47 -9.51
C CYS A 3 0.49 4.31 -9.60
N LEU A 4 1.22 5.36 -9.22
CA LEU A 4 2.68 5.32 -9.26
C LEU A 4 3.26 4.95 -7.90
N THR A 5 4.05 3.88 -7.88
CA THR A 5 4.66 3.41 -6.65
C THR A 5 5.67 4.43 -6.13
N PRO A 6 6.14 4.25 -4.88
CA PRO A 6 7.12 5.17 -4.26
C PRO A 6 8.33 5.38 -5.16
N ASP A 7 8.61 4.41 -6.02
CA ASP A 7 9.74 4.50 -6.94
C ASP A 7 9.30 5.01 -8.31
N ASN A 8 8.05 5.45 -8.40
CA ASN A 8 7.51 5.98 -9.65
C ASN A 8 7.35 4.87 -10.69
N LYS A 9 6.93 3.70 -10.23
CA LYS A 9 6.74 2.56 -11.12
C LYS A 9 5.24 2.30 -11.33
N PRO A 10 4.82 2.08 -12.58
CA PRO A 10 3.41 1.82 -12.90
C PRO A 10 2.86 0.62 -12.14
N GLY A 11 1.83 0.87 -11.34
CA GLY A 11 1.22 -0.21 -10.57
C GLY A 11 -0.28 -0.05 -10.46
N LYS A 12 -0.85 -0.55 -9.36
CA LYS A 12 -2.28 -0.46 -9.15
C LYS A 12 -2.59 0.00 -7.73
N CYS A 13 -3.69 0.73 -7.58
CA CYS A 13 -4.10 1.24 -6.27
C CYS A 13 -5.36 0.52 -5.79
N VAL A 14 -5.29 -0.05 -4.59
CA VAL A 14 -6.42 -0.77 -4.01
C VAL A 14 -6.58 -0.42 -2.53
N ASN A 15 -7.79 -0.62 -2.01
CA ASN A 15 -8.08 -0.32 -0.61
C ASN A 15 -7.08 -1.02 0.31
N ILE A 16 -7.27 -0.86 1.62
CA ILE A 16 -6.38 -1.48 2.60
C ILE A 16 -6.92 -2.83 3.07
N LYS A 17 -7.76 -3.45 2.24
CA LYS A 17 -8.34 -4.74 2.57
C LYS A 17 -8.49 -5.61 1.31
N LYS A 18 -7.56 -5.46 0.38
CA LYS A 18 -7.59 -6.22 -0.87
C LYS A 18 -6.19 -6.66 -1.29
N CYS A 19 -5.27 -5.71 -1.31
CA CYS A 19 -3.89 -5.99 -1.70
C CYS A 19 -3.30 -7.14 -0.88
N THR A 20 -2.74 -8.13 -1.57
CA THR A 20 -2.14 -9.27 -0.90
C THR A 20 -0.88 -8.88 -0.14
N HIS A 21 -0.14 -7.94 -0.71
CA HIS A 21 1.09 -7.46 -0.08
C HIS A 21 0.80 -6.85 1.29
N LEU A 22 -0.32 -6.15 1.37
CA LEU A 22 -0.72 -5.51 2.63
C LEU A 22 -0.99 -6.55 3.70
N ALA A 23 -1.62 -7.66 3.30
CA ALA A 23 -1.93 -8.73 4.22
C ALA A 23 -0.66 -9.39 4.75
N GLU A 24 0.37 -9.45 3.90
CA GLU A 24 1.64 -10.04 4.28
C GLU A 24 2.31 -9.23 5.39
N ILE A 25 2.25 -7.92 5.26
CA ILE A 25 2.85 -7.03 6.26
C ILE A 25 2.06 -7.07 7.56
N GLU A 26 0.74 -7.19 7.45
CA GLU A 26 -0.12 -7.25 8.63
C GLU A 26 0.05 -8.57 9.36
N GLU A 27 0.34 -9.63 8.61
CA GLU A 27 0.53 -10.95 9.19
C GLU A 27 1.82 -11.01 9.99
N ASP A 28 2.82 -10.24 9.56
CA ASP A 28 4.11 -10.20 10.23
C ASP A 28 4.11 -9.14 11.33
N PRO A 29 5.17 -9.11 12.16
CA PRO A 29 5.29 -8.15 13.26
C PRO A 29 5.09 -6.72 12.78
N ILE A 30 5.14 -5.77 13.72
CA ILE A 30 4.96 -4.36 13.40
C ILE A 30 6.16 -3.54 13.84
N GLY A 31 6.42 -2.46 13.13
CA GLY A 31 7.55 -1.60 13.45
C GLY A 31 7.50 -0.27 12.71
N GLU A 32 8.37 0.66 13.11
CA GLU A 32 8.44 1.97 12.48
C GLU A 32 8.79 1.84 11.01
N ASP A 33 9.62 0.86 10.69
CA ASP A 33 10.04 0.63 9.30
C ASP A 33 8.84 0.28 8.43
N GLU A 34 7.87 -0.41 9.01
CA GLU A 34 6.67 -0.81 8.29
C GLU A 34 5.77 0.39 8.02
N THR A 35 5.79 1.35 8.95
CA THR A 35 4.97 2.55 8.82
C THR A 35 5.48 3.44 7.68
N THR A 36 6.80 3.46 7.51
CA THR A 36 7.42 4.26 6.46
C THR A 36 7.15 3.67 5.09
N TYR A 37 7.16 2.34 5.01
CA TYR A 37 6.90 1.64 3.76
C TYR A 37 5.45 1.83 3.31
N LEU A 38 4.55 1.91 4.29
CA LEU A 38 3.13 2.09 4.00
C LEU A 38 2.86 3.48 3.44
N LYS A 39 3.48 4.48 4.06
CA LYS A 39 3.31 5.86 3.64
C LYS A 39 3.85 6.07 2.23
N ASN A 40 4.82 5.24 1.83
CA ASN A 40 5.43 5.34 0.51
C ASN A 40 4.58 4.60 -0.53
N SER A 41 3.84 3.59 -0.09
CA SER A 41 3.01 2.81 -0.98
C SER A 41 1.53 2.95 -0.62
N VAL A 42 1.09 4.19 -0.39
CA VAL A 42 -0.30 4.46 -0.03
C VAL A 42 -0.91 5.49 -0.97
N CYS A 43 -2.22 5.39 -1.19
CA CYS A 43 -2.93 6.31 -2.06
C CYS A 43 -3.45 7.50 -1.28
N ALA A 44 -2.57 8.13 -0.51
CA ALA A 44 -2.94 9.29 0.29
C ALA A 44 -3.21 10.51 -0.59
N GLY A 45 -4.48 10.80 -0.81
CA GLY A 45 -4.84 11.94 -1.63
C GLY A 45 -6.33 12.27 -1.54
N PRO A 46 -7.19 11.51 -2.24
CA PRO A 46 -8.63 11.73 -2.23
C PRO A 46 -9.27 11.33 -0.90
N GLU A 47 -8.67 10.36 -0.23
CA GLU A 47 -9.18 9.88 1.05
C GLU A 47 -8.03 9.58 2.02
N ASP A 48 -8.37 9.08 3.19
CA ASP A 48 -7.38 8.74 4.21
C ASP A 48 -6.89 7.31 4.04
N ASN A 49 -7.73 6.46 3.43
CA ASN A 49 -7.37 5.06 3.21
C ASN A 49 -6.72 4.89 1.84
N SER A 50 -7.08 3.81 1.13
CA SER A 50 -6.52 3.55 -0.19
C SER A 50 -5.03 3.24 -0.10
N VAL A 51 -4.57 2.30 -0.92
CA VAL A 51 -3.16 1.90 -0.92
C VAL A 51 -2.65 1.68 -2.34
N CYS A 52 -1.34 1.74 -2.51
CA CYS A 52 -0.73 1.54 -3.81
C CYS A 52 0.07 0.24 -3.85
N CYS A 53 -0.26 -0.62 -4.80
CA CYS A 53 0.42 -1.91 -4.94
C CYS A 53 0.81 -2.15 -6.39
N GLY A 54 2.11 -2.28 -6.63
CA GLY A 54 2.60 -2.52 -7.98
C GLY A 54 3.26 -3.88 -8.13
N LEU A 1 -7.56 1.23 -10.06
CA LEU A 1 -6.83 2.44 -10.43
C LEU A 1 -5.35 2.13 -10.64
N SER A 2 -4.69 2.93 -11.47
CA SER A 2 -3.27 2.74 -11.76
C SER A 2 -2.43 3.76 -10.99
N CYS A 3 -1.52 3.26 -10.16
CA CYS A 3 -0.65 4.14 -9.36
C CYS A 3 0.82 3.83 -9.61
N LEU A 4 1.67 4.83 -9.40
CA LEU A 4 3.10 4.68 -9.59
C LEU A 4 3.80 4.31 -8.28
N THR A 5 4.49 3.18 -8.29
CA THR A 5 5.20 2.72 -7.10
C THR A 5 6.35 3.66 -6.75
N PRO A 6 6.91 3.52 -5.53
CA PRO A 6 8.03 4.38 -5.09
C PRO A 6 9.15 4.43 -6.12
N ASP A 7 9.38 3.30 -6.78
CA ASP A 7 10.42 3.20 -7.80
C ASP A 7 9.97 3.89 -9.09
N ASN A 8 8.66 4.05 -9.22
CA ASN A 8 8.04 4.69 -10.38
C ASN A 8 7.74 3.68 -11.47
N LYS A 9 7.16 2.54 -11.06
CA LYS A 9 6.81 1.49 -11.99
C LYS A 9 5.29 1.33 -12.04
N PRO A 10 4.71 1.19 -13.25
CA PRO A 10 3.26 1.04 -13.40
C PRO A 10 2.68 -0.03 -12.50
N GLY A 11 1.71 0.36 -11.68
CA GLY A 11 1.07 -0.57 -10.77
C GLY A 11 -0.42 -0.31 -10.64
N LYS A 12 -1.02 -0.76 -9.55
CA LYS A 12 -2.44 -0.57 -9.32
C LYS A 12 -2.72 -0.08 -7.91
N CYS A 13 -3.75 0.73 -7.76
CA CYS A 13 -4.12 1.26 -6.45
C CYS A 13 -5.43 0.64 -5.98
N VAL A 14 -5.40 0.07 -4.78
CA VAL A 14 -6.58 -0.57 -4.21
C VAL A 14 -6.67 -0.32 -2.70
N ASN A 15 -7.89 -0.42 -2.16
CA ASN A 15 -8.11 -0.21 -0.74
C ASN A 15 -7.24 -1.14 0.10
N ILE A 16 -7.43 -1.08 1.42
CA ILE A 16 -6.66 -1.93 2.33
C ILE A 16 -7.34 -3.28 2.56
N LYS A 17 -8.43 -3.52 1.84
CA LYS A 17 -9.16 -4.77 1.95
C LYS A 17 -9.29 -5.45 0.60
N LYS A 18 -8.34 -5.18 -0.29
CA LYS A 18 -8.35 -5.78 -1.63
C LYS A 18 -6.97 -6.29 -2.00
N CYS A 19 -5.95 -5.51 -1.67
CA CYS A 19 -4.57 -5.90 -1.97
C CYS A 19 -4.13 -7.08 -1.11
N THR A 20 -3.83 -8.19 -1.77
CA THR A 20 -3.40 -9.39 -1.06
C THR A 20 -2.12 -9.13 -0.26
N HIS A 21 -1.31 -8.20 -0.74
CA HIS A 21 -0.06 -7.85 -0.06
C HIS A 21 -0.34 -7.37 1.36
N LEU A 22 -1.42 -6.61 1.51
CA LEU A 22 -1.79 -6.07 2.81
C LEU A 22 -2.10 -7.20 3.79
N ALA A 23 -2.80 -8.23 3.30
CA ALA A 23 -3.15 -9.37 4.12
C ALA A 23 -1.91 -10.13 4.56
N GLU A 24 -0.91 -10.17 3.69
CA GLU A 24 0.34 -10.86 3.99
C GLU A 24 1.10 -10.16 5.11
N ILE A 25 1.15 -8.83 5.04
CA ILE A 25 1.84 -8.04 6.06
C ILE A 25 1.13 -8.16 7.41
N GLU A 26 -0.19 -8.25 7.36
CA GLU A 26 -0.99 -8.37 8.58
C GLU A 26 -0.70 -9.68 9.30
N GLU A 27 -0.36 -10.72 8.53
CA GLU A 27 -0.05 -12.03 9.09
C GLU A 27 1.36 -12.03 9.69
N ASP A 28 2.25 -11.24 9.11
CA ASP A 28 3.62 -11.17 9.60
C ASP A 28 3.75 -10.15 10.74
N PRO A 29 4.18 -10.60 11.93
CA PRO A 29 4.34 -9.72 13.10
C PRO A 29 5.23 -8.53 12.80
N ILE A 30 4.62 -7.35 12.67
CA ILE A 30 5.35 -6.13 12.39
C ILE A 30 4.62 -4.91 12.93
N GLY A 31 5.35 -3.81 13.13
CA GLY A 31 4.75 -2.60 13.63
C GLY A 31 5.18 -1.38 12.84
N GLU A 32 6.35 -0.84 13.16
CA GLU A 32 6.86 0.34 12.47
C GLU A 32 6.99 0.08 10.98
N ASP A 33 7.29 -1.16 10.61
CA ASP A 33 7.44 -1.53 9.21
C ASP A 33 6.15 -1.27 8.43
N GLU A 34 5.02 -1.37 9.13
CA GLU A 34 3.72 -1.16 8.50
C GLU A 34 3.51 0.33 8.21
N THR A 35 4.04 1.18 9.08
CA THR A 35 3.90 2.63 8.92
C THR A 35 4.72 3.12 7.73
N THR A 36 5.91 2.53 7.56
CA THR A 36 6.78 2.90 6.46
C THR A 36 6.24 2.39 5.13
N TYR A 37 5.61 1.23 5.16
CA TYR A 37 5.03 0.63 3.96
C TYR A 37 3.80 1.41 3.52
N LEU A 38 3.05 1.93 4.48
CA LEU A 38 1.84 2.69 4.18
C LEU A 38 2.19 4.03 3.54
N LYS A 39 3.26 4.64 4.02
CA LYS A 39 3.70 5.93 3.50
C LYS A 39 4.28 5.79 2.10
N ASN A 40 4.86 4.63 1.81
CA ASN A 40 5.44 4.36 0.51
C ASN A 40 4.41 3.78 -0.45
N SER A 41 3.44 3.06 0.09
CA SER A 41 2.40 2.45 -0.73
C SER A 41 1.11 3.25 -0.66
N VAL A 42 1.24 4.58 -0.65
CA VAL A 42 0.09 5.47 -0.59
C VAL A 42 -0.17 6.11 -1.94
N CYS A 43 -1.45 6.38 -2.22
CA CYS A 43 -1.83 7.00 -3.48
C CYS A 43 -2.00 8.52 -3.32
N ALA A 44 -1.19 9.11 -2.45
CA ALA A 44 -1.24 10.54 -2.21
C ALA A 44 -2.65 10.98 -1.81
N GLY A 45 -3.31 10.18 -0.98
CA GLY A 45 -4.66 10.49 -0.55
C GLY A 45 -5.63 10.60 -1.72
N PRO A 46 -6.02 9.47 -2.31
CA PRO A 46 -6.97 9.45 -3.44
C PRO A 46 -8.37 9.86 -3.03
N GLU A 47 -8.83 9.34 -1.89
CA GLU A 47 -10.17 9.66 -1.39
C GLU A 47 -10.15 9.82 0.13
N ASP A 48 -9.94 8.71 0.83
CA ASP A 48 -9.90 8.73 2.29
C ASP A 48 -8.98 7.64 2.82
N ASN A 49 -9.16 6.42 2.33
CA ASN A 49 -8.36 5.29 2.75
C ASN A 49 -8.10 4.34 1.59
N SER A 50 -6.85 4.34 1.11
CA SER A 50 -6.48 3.49 -0.01
C SER A 50 -4.99 3.14 0.04
N VAL A 51 -4.57 2.24 -0.85
CA VAL A 51 -3.17 1.81 -0.90
C VAL A 51 -2.74 1.59 -2.34
N CYS A 52 -1.43 1.66 -2.58
CA CYS A 52 -0.88 1.47 -3.92
C CYS A 52 -0.08 0.16 -3.98
N CYS A 53 -0.46 -0.69 -4.93
CA CYS A 53 0.22 -1.98 -5.11
C CYS A 53 0.80 -2.10 -6.52
N GLY A 54 2.10 -2.34 -6.59
CA GLY A 54 2.75 -2.49 -7.88
C GLY A 54 3.70 -3.67 -7.92
N LEU A 1 -7.50 1.34 -10.34
CA LEU A 1 -6.75 2.54 -10.71
C LEU A 1 -5.26 2.25 -10.79
N SER A 2 -4.56 3.02 -11.60
CA SER A 2 -3.12 2.86 -11.76
C SER A 2 -2.36 3.89 -10.95
N CYS A 3 -1.42 3.42 -10.13
CA CYS A 3 -0.63 4.31 -9.28
C CYS A 3 0.87 4.09 -9.50
N LEU A 4 1.67 5.06 -9.09
CA LEU A 4 3.12 4.97 -9.24
C LEU A 4 3.78 4.62 -7.92
N THR A 5 4.54 3.52 -7.91
CA THR A 5 5.23 3.07 -6.71
C THR A 5 6.29 4.08 -6.29
N PRO A 6 6.81 3.97 -5.05
CA PRO A 6 7.84 4.87 -4.54
C PRO A 6 9.02 5.01 -5.50
N ASP A 7 9.22 3.99 -6.33
CA ASP A 7 10.30 3.98 -7.30
C ASP A 7 9.81 4.42 -8.68
N ASN A 8 8.57 4.90 -8.74
CA ASN A 8 7.98 5.35 -10.00
C ASN A 8 7.75 4.18 -10.95
N LYS A 9 7.31 3.06 -10.42
CA LYS A 9 7.04 1.87 -11.21
C LYS A 9 5.54 1.70 -11.43
N PRO A 10 5.10 1.51 -12.69
CA PRO A 10 3.68 1.33 -13.00
C PRO A 10 3.03 0.24 -12.16
N GLY A 11 1.97 0.60 -11.45
CA GLY A 11 1.26 -0.35 -10.62
C GLY A 11 -0.22 -0.10 -10.58
N LYS A 12 -0.89 -0.62 -9.55
CA LYS A 12 -2.33 -0.44 -9.40
C LYS A 12 -2.68 -0.03 -7.97
N CYS A 13 -3.71 0.79 -7.83
CA CYS A 13 -4.16 1.25 -6.52
C CYS A 13 -5.50 0.63 -6.15
N VAL A 14 -5.55 0.02 -4.97
CA VAL A 14 -6.76 -0.63 -4.49
C VAL A 14 -6.95 -0.41 -3.00
N ASN A 15 -8.19 -0.51 -2.54
CA ASN A 15 -8.50 -0.32 -1.12
C ASN A 15 -7.59 -1.16 -0.23
N ILE A 16 -7.74 -1.01 1.08
CA ILE A 16 -6.94 -1.75 2.04
C ILE A 16 -7.50 -3.14 2.29
N LYS A 17 -8.60 -3.46 1.62
CA LYS A 17 -9.25 -4.76 1.77
C LYS A 17 -9.36 -5.47 0.42
N LYS A 18 -8.51 -5.09 -0.52
CA LYS A 18 -8.51 -5.69 -1.84
C LYS A 18 -7.11 -6.23 -2.19
N CYS A 19 -6.08 -5.50 -1.79
CA CYS A 19 -4.71 -5.91 -2.05
C CYS A 19 -4.32 -7.09 -1.17
N THR A 20 -4.06 -8.24 -1.78
CA THR A 20 -3.68 -9.44 -1.05
C THR A 20 -2.43 -9.19 -0.21
N HIS A 21 -1.54 -8.34 -0.70
CA HIS A 21 -0.31 -8.02 0.01
C HIS A 21 -0.61 -7.40 1.37
N LEU A 22 -1.64 -6.57 1.42
CA LEU A 22 -2.03 -5.91 2.66
C LEU A 22 -2.62 -6.92 3.63
N ALA A 23 -3.39 -7.86 3.10
CA ALA A 23 -4.01 -8.89 3.92
C ALA A 23 -2.97 -9.79 4.57
N GLU A 24 -1.86 -10.01 3.87
CA GLU A 24 -0.78 -10.85 4.38
C GLU A 24 -0.09 -10.20 5.57
N ILE A 25 0.18 -8.90 5.44
CA ILE A 25 0.85 -8.15 6.49
C ILE A 25 -0.09 -7.99 7.69
N GLU A 26 -1.38 -7.84 7.42
CA GLU A 26 -2.37 -7.68 8.48
C GLU A 26 -2.53 -8.96 9.28
N GLU A 27 -2.37 -10.10 8.59
CA GLU A 27 -2.50 -11.39 9.23
C GLU A 27 -1.37 -11.62 10.23
N ASP A 28 -0.20 -11.05 9.95
CA ASP A 28 0.96 -11.18 10.82
C ASP A 28 1.17 -9.90 11.63
N PRO A 29 2.01 -9.97 12.68
CA PRO A 29 2.29 -8.80 13.53
C PRO A 29 2.72 -7.59 12.71
N ILE A 30 2.41 -6.40 13.23
CA ILE A 30 2.76 -5.16 12.55
C ILE A 30 3.95 -4.48 13.22
N GLY A 31 4.82 -3.90 12.40
CA GLY A 31 5.98 -3.21 12.94
C GLY A 31 6.21 -1.86 12.29
N GLU A 32 7.38 -1.28 12.52
CA GLU A 32 7.72 0.02 11.96
C GLU A 32 7.82 -0.04 10.44
N ASP A 33 8.26 -1.19 9.93
CA ASP A 33 8.41 -1.39 8.49
C ASP A 33 7.06 -1.31 7.79
N GLU A 34 6.00 -1.70 8.49
CA GLU A 34 4.65 -1.68 7.92
C GLU A 34 4.15 -0.24 7.79
N THR A 35 4.49 0.60 8.76
CA THR A 35 4.07 1.99 8.75
C THR A 35 4.81 2.76 7.68
N THR A 36 6.09 2.45 7.50
CA THR A 36 6.91 3.12 6.50
C THR A 36 6.48 2.73 5.09
N TYR A 37 6.03 1.49 4.95
CA TYR A 37 5.58 0.99 3.65
C TYR A 37 4.27 1.64 3.25
N LEU A 38 3.37 1.79 4.22
CA LEU A 38 2.07 2.40 3.96
C LEU A 38 2.23 3.87 3.56
N LYS A 39 3.21 4.53 4.17
CA LYS A 39 3.48 5.93 3.88
C LYS A 39 3.90 6.13 2.43
N ASN A 40 4.72 5.21 1.93
CA ASN A 40 5.20 5.29 0.55
C ASN A 40 4.24 4.61 -0.42
N SER A 41 3.50 3.63 0.09
CA SER A 41 2.53 2.91 -0.74
C SER A 41 1.13 3.47 -0.55
N VAL A 42 1.04 4.78 -0.31
CA VAL A 42 -0.24 5.43 -0.12
C VAL A 42 -0.69 6.13 -1.40
N CYS A 43 -1.99 6.10 -1.66
CA CYS A 43 -2.55 6.74 -2.85
C CYS A 43 -3.09 8.13 -2.53
N ALA A 44 -2.40 8.83 -1.62
CA ALA A 44 -2.80 10.17 -1.24
C ALA A 44 -4.24 10.18 -0.71
N GLY A 45 -4.78 11.38 -0.50
CA GLY A 45 -6.14 11.50 0.00
C GLY A 45 -6.20 11.45 1.52
N PRO A 46 -6.49 12.58 2.19
CA PRO A 46 -6.58 12.64 3.65
C PRO A 46 -7.48 11.54 4.22
N GLU A 47 -8.76 11.58 3.83
CA GLU A 47 -9.73 10.59 4.30
C GLU A 47 -10.30 9.80 3.13
N ASP A 48 -10.05 8.50 3.11
CA ASP A 48 -10.56 7.63 2.05
C ASP A 48 -10.11 6.19 2.27
N ASN A 49 -8.90 6.01 2.80
CA ASN A 49 -8.35 4.69 3.06
C ASN A 49 -8.05 3.96 1.75
N SER A 50 -6.86 4.18 1.23
CA SER A 50 -6.44 3.54 -0.03
C SER A 50 -4.96 3.17 0.03
N VAL A 51 -4.56 2.30 -0.89
CA VAL A 51 -3.17 1.85 -0.94
C VAL A 51 -2.73 1.62 -2.39
N CYS A 52 -1.42 1.66 -2.61
CA CYS A 52 -0.86 1.44 -3.95
C CYS A 52 -0.10 0.13 -4.02
N CYS A 53 -0.50 -0.73 -4.96
CA CYS A 53 0.14 -2.02 -5.14
C CYS A 53 0.78 -2.12 -6.52
N GLY A 54 2.09 -2.32 -6.54
CA GLY A 54 2.80 -2.43 -7.80
C GLY A 54 3.73 -3.64 -7.85
N LEU A 1 -7.67 2.11 -9.85
CA LEU A 1 -6.87 3.24 -10.29
C LEU A 1 -5.40 2.86 -10.41
N SER A 2 -4.67 3.55 -11.28
CA SER A 2 -3.26 3.28 -11.48
C SER A 2 -2.40 4.15 -10.57
N CYS A 3 -1.45 3.53 -9.88
CA CYS A 3 -0.56 4.25 -8.97
C CYS A 3 0.90 4.01 -9.32
N LEU A 4 1.76 4.91 -8.87
CA LEU A 4 3.20 4.80 -9.13
C LEU A 4 3.94 4.37 -7.87
N THR A 5 4.71 3.30 -7.99
CA THR A 5 5.49 2.76 -6.87
C THR A 5 6.48 3.80 -6.37
N PRO A 6 7.10 3.57 -5.19
CA PRO A 6 8.08 4.50 -4.63
C PRO A 6 9.18 4.86 -5.63
N ASP A 7 9.40 3.98 -6.59
CA ASP A 7 10.42 4.21 -7.62
C ASP A 7 9.78 4.76 -8.90
N ASN A 8 8.50 5.12 -8.84
CA ASN A 8 7.79 5.66 -9.98
C ASN A 8 7.52 4.58 -11.03
N LYS A 9 7.26 3.36 -10.55
CA LYS A 9 6.98 2.23 -11.43
C LYS A 9 5.48 2.03 -11.59
N PRO A 10 5.02 1.67 -12.79
CA PRO A 10 3.60 1.45 -13.06
C PRO A 10 2.99 0.39 -12.15
N GLY A 11 1.97 0.77 -11.40
CA GLY A 11 1.32 -0.16 -10.50
C GLY A 11 -0.19 0.02 -10.47
N LYS A 12 -0.82 -0.45 -9.40
CA LYS A 12 -2.26 -0.34 -9.25
C LYS A 12 -2.64 0.15 -7.86
N CYS A 13 -3.78 0.82 -7.77
CA CYS A 13 -4.26 1.34 -6.49
C CYS A 13 -5.49 0.58 -6.02
N VAL A 14 -5.43 0.06 -4.80
CA VAL A 14 -6.53 -0.69 -4.23
C VAL A 14 -6.68 -0.40 -2.73
N ASN A 15 -7.87 -0.62 -2.20
CA ASN A 15 -8.13 -0.37 -0.79
C ASN A 15 -7.24 -1.25 0.09
N ILE A 16 -7.52 -1.27 1.39
CA ILE A 16 -6.74 -2.07 2.32
C ILE A 16 -7.29 -3.49 2.43
N LYS A 17 -8.26 -3.80 1.59
CA LYS A 17 -8.86 -5.14 1.60
C LYS A 17 -8.61 -5.86 0.28
N LYS A 18 -7.53 -5.48 -0.39
CA LYS A 18 -7.17 -6.09 -1.67
C LYS A 18 -5.66 -6.27 -1.79
N CYS A 19 -4.91 -5.24 -1.39
CA CYS A 19 -3.45 -5.29 -1.45
C CYS A 19 -2.90 -6.51 -0.70
N THR A 20 -2.11 -7.31 -1.39
CA THR A 20 -1.52 -8.51 -0.80
C THR A 20 -0.67 -8.16 0.41
N HIS A 21 -0.08 -6.97 0.39
CA HIS A 21 0.78 -6.52 1.48
C HIS A 21 0.01 -6.53 2.80
N LEU A 22 -1.29 -6.24 2.73
CA LEU A 22 -2.13 -6.21 3.92
C LEU A 22 -2.33 -7.61 4.47
N ALA A 23 -2.50 -8.58 3.57
CA ALA A 23 -2.70 -9.97 3.96
C ALA A 23 -1.46 -10.52 4.66
N GLU A 24 -0.29 -10.07 4.22
CA GLU A 24 0.97 -10.53 4.79
C GLU A 24 1.12 -10.03 6.23
N ILE A 25 0.69 -8.80 6.47
CA ILE A 25 0.77 -8.21 7.80
C ILE A 25 -0.17 -8.93 8.78
N GLU A 26 -1.31 -9.37 8.27
CA GLU A 26 -2.29 -10.07 9.10
C GLU A 26 -1.75 -11.43 9.55
N GLU A 27 -0.99 -12.07 8.67
CA GLU A 27 -0.41 -13.38 8.97
C GLU A 27 0.92 -13.23 9.71
N ASP A 28 1.64 -12.15 9.41
CA ASP A 28 2.92 -11.89 10.04
C ASP A 28 3.27 -10.41 9.98
N PRO A 29 2.84 -9.63 10.98
CA PRO A 29 3.10 -8.20 11.03
C PRO A 29 4.49 -7.88 11.57
N ILE A 30 5.52 -8.45 10.95
CA ILE A 30 6.90 -8.23 11.37
C ILE A 30 7.67 -7.44 10.31
N GLY A 31 8.59 -6.60 10.78
CA GLY A 31 9.39 -5.80 9.87
C GLY A 31 8.98 -4.34 9.87
N GLU A 32 9.77 -3.51 10.54
CA GLU A 32 9.49 -2.08 10.61
C GLU A 32 9.57 -1.43 9.24
N ASP A 33 10.38 -2.02 8.36
CA ASP A 33 10.53 -1.48 7.00
C ASP A 33 9.28 -1.74 6.17
N GLU A 34 8.56 -2.81 6.49
CA GLU A 34 7.35 -3.17 5.77
C GLU A 34 6.24 -2.17 6.05
N THR A 35 6.15 -1.74 7.30
CA THR A 35 5.12 -0.78 7.70
C THR A 35 5.42 0.60 7.12
N THR A 36 6.70 0.94 7.03
CA THR A 36 7.12 2.23 6.49
C THR A 36 6.89 2.29 5.00
N TYR A 37 7.04 1.15 4.32
CA TYR A 37 6.84 1.08 2.88
C TYR A 37 5.37 1.25 2.53
N LEU A 38 4.49 0.75 3.40
CA LEU A 38 3.05 0.84 3.17
C LEU A 38 2.59 2.29 3.28
N LYS A 39 3.15 3.02 4.23
CA LYS A 39 2.79 4.42 4.44
C LYS A 39 3.27 5.29 3.28
N ASN A 40 4.38 4.88 2.66
CA ASN A 40 4.94 5.62 1.54
C ASN A 40 4.25 5.24 0.23
N SER A 41 3.69 4.04 0.20
CA SER A 41 2.99 3.56 -1.00
C SER A 41 1.48 3.66 -0.83
N VAL A 42 1.02 4.75 -0.22
CA VAL A 42 -0.40 4.97 0.00
C VAL A 42 -1.02 5.73 -1.16
N CYS A 43 -2.33 5.61 -1.29
CA CYS A 43 -3.06 6.29 -2.36
C CYS A 43 -3.70 7.58 -1.86
N ALA A 44 -3.11 8.18 -0.83
CA ALA A 44 -3.63 9.42 -0.26
C ALA A 44 -2.76 9.89 0.90
N GLY A 45 -2.77 11.20 1.14
CA GLY A 45 -1.99 11.77 2.22
C GLY A 45 -2.68 11.66 3.56
N PRO A 46 -3.83 12.35 3.73
CA PRO A 46 -4.58 12.32 4.98
C PRO A 46 -5.31 10.99 5.21
N GLU A 47 -5.96 10.50 4.16
CA GLU A 47 -6.69 9.24 4.24
C GLU A 47 -5.72 8.06 4.43
N ASP A 48 -6.27 6.90 4.80
CA ASP A 48 -5.46 5.72 5.02
C ASP A 48 -6.24 4.45 4.65
N ASN A 49 -7.16 4.58 3.69
CA ASN A 49 -7.96 3.45 3.25
C ASN A 49 -7.53 2.98 1.87
N SER A 50 -6.93 3.89 1.10
CA SER A 50 -6.46 3.56 -0.25
C SER A 50 -4.96 3.35 -0.27
N VAL A 51 -4.53 2.19 -0.77
CA VAL A 51 -3.11 1.87 -0.83
C VAL A 51 -2.67 1.63 -2.28
N CYS A 52 -1.37 1.70 -2.52
CA CYS A 52 -0.82 1.49 -3.85
C CYS A 52 -0.02 0.19 -3.92
N CYS A 53 -0.40 -0.69 -4.84
CA CYS A 53 0.27 -1.97 -5.00
C CYS A 53 0.77 -2.13 -6.44
N GLY A 54 2.08 -2.27 -6.59
CA GLY A 54 2.67 -2.44 -7.90
C GLY A 54 3.45 -3.73 -8.04
#